data_7QE3
#
_entry.id   7QE3
#
_cell.length_a   44.990
_cell.length_b   58.579
_cell.length_c   166.424
_cell.angle_alpha   90.000
_cell.angle_beta   90.682
_cell.angle_gamma   90.000
#
_symmetry.space_group_name_H-M   'P 1 21 1'
#
loop_
_entity.id
_entity.type
_entity.pdbx_description
1 polymer Sarol-1
2 non-polymer 2-acetamido-2-deoxy-beta-D-galactopyranose
3 non-polymer 1,2-ETHANEDIOL
4 non-polymer DI(HYDROXYETHYL)ETHER
5 non-polymer (2S)-hexane-1,2,6-triol
6 non-polymer 'TRIETHYLENE GLYCOL'
7 water water
#
_entity_poly.entity_id   1
_entity_poly.type   'polypeptide(L)'
_entity_poly.pdbx_seq_one_letter_code
;(MSE)GSSHHHHHHSSGENLYFQGH(MSE)SSTFEPATDSPLPVPGVQYFLQHVQSGKYVHPHGGSD(MSE)PGNDTALV
LHHGFDEKRDALRWVFVNDAENKHQLKHYSSGKFVHPKGGKVGKEATLVVHSSPGRPET(MSE)IE(MSE)VQEDGRTYL
RHTDSDYYVHPHGGSPNPGDNTRLVYYSGYRPSLAFLAIPAETLFVDRIEIHQAQALESINTITSLSDEHRNDTDQPVQT
SISVALEESLQDSAQLSFERCFGLKVGSEFEVGLPLVGKTKVSVQFSGSWKSSTIKGEVRTSAVKVQINEHVTIPPGKCV
QIRIDTRRCTKTAPAT(MSE)YLRTASGIEVQRETTVTSTYHYDQEVHVVPVTN
;
_entity_poly.pdbx_strand_id   AAA,BBB
#
loop_
_chem_comp.id
_chem_comp.type
_chem_comp.name
_chem_comp.formula
1JW non-polymer (2S)-hexane-1,2,6-triol 'C6 H14 O3'
EDO non-polymer 1,2-ETHANEDIOL 'C2 H6 O2'
NGA D-saccharide, beta linking 2-acetamido-2-deoxy-beta-D-galactopyranose 'C8 H15 N O6'
PEG non-polymer DI(HYDROXYETHYL)ETHER 'C4 H10 O3'
PGE non-polymer 'TRIETHYLENE GLYCOL' 'C6 H14 O4'
#
# COMPACT_ATOMS: atom_id res chain seq x y z
N THR A 25 -24.10 4.92 -14.27
CA THR A 25 -24.82 5.79 -13.26
C THR A 25 -26.01 5.01 -12.66
N PHE A 26 -26.52 5.48 -11.52
CA PHE A 26 -27.79 5.02 -10.93
C PHE A 26 -28.94 5.60 -11.76
N GLU A 27 -29.75 4.76 -12.42
CA GLU A 27 -30.97 5.20 -13.16
C GLU A 27 -32.17 4.95 -12.23
N PRO A 28 -32.74 6.01 -11.61
CA PRO A 28 -33.77 5.82 -10.59
C PRO A 28 -34.97 4.96 -11.02
N ALA A 29 -35.38 5.03 -12.29
CA ALA A 29 -36.59 4.30 -12.78
C ALA A 29 -36.24 2.81 -12.87
N THR A 30 -35.15 2.46 -13.55
CA THR A 30 -34.74 1.05 -13.79
C THR A 30 -33.95 0.42 -12.61
N ASP A 31 -33.44 1.17 -11.63
CA ASP A 31 -32.61 0.53 -10.57
C ASP A 31 -33.29 0.59 -9.21
N SER A 32 -34.51 1.11 -9.11
CA SER A 32 -35.15 1.43 -7.81
C SER A 32 -35.27 0.14 -7.01
N PRO A 33 -34.70 0.08 -5.79
CA PRO A 33 -34.88 -1.09 -4.94
C PRO A 33 -36.30 -1.22 -4.35
N LEU A 34 -36.78 -2.44 -4.24
CA LEU A 34 -37.97 -2.80 -3.44
C LEU A 34 -37.67 -2.58 -1.96
N PRO A 35 -38.53 -1.84 -1.24
CA PRO A 35 -38.28 -1.59 0.18
C PRO A 35 -38.35 -2.84 1.08
N VAL A 36 -37.51 -2.86 2.10
CA VAL A 36 -37.45 -3.96 3.13
C VAL A 36 -38.39 -3.55 4.25
N PRO A 37 -39.37 -4.37 4.63
CA PRO A 37 -40.30 -3.99 5.70
C PRO A 37 -39.58 -3.62 7.01
N GLY A 38 -40.07 -2.62 7.73
CA GLY A 38 -39.62 -2.25 9.08
C GLY A 38 -38.47 -1.26 9.03
N VAL A 39 -37.95 -0.95 7.84
CA VAL A 39 -36.85 0.01 7.60
C VAL A 39 -37.47 1.35 7.17
N GLN A 40 -36.87 2.45 7.62
CA GLN A 40 -37.28 3.82 7.27
C GLN A 40 -36.86 4.15 5.85
N TYR A 41 -37.76 4.75 5.09
CA TYR A 41 -37.56 5.25 3.71
C TYR A 41 -38.10 6.65 3.61
N PHE A 42 -37.51 7.37 2.67
CA PHE A 42 -38.17 8.49 1.98
C PHE A 42 -38.83 7.92 0.72
N LEU A 43 -39.98 8.48 0.32
CA LEU A 43 -40.66 8.12 -0.95
C LEU A 43 -40.49 9.27 -1.92
N GLN A 44 -40.09 8.98 -3.15
CA GLN A 44 -39.80 10.03 -4.11
C GLN A 44 -40.48 9.64 -5.39
N HIS A 45 -41.29 10.54 -5.93
CA HIS A 45 -41.91 10.41 -7.26
C HIS A 45 -40.76 10.65 -8.23
N VAL A 46 -40.41 9.66 -9.02
CA VAL A 46 -39.15 9.60 -9.79
C VAL A 46 -39.18 10.76 -10.78
N GLN A 47 -40.26 10.90 -11.54
CA GLN A 47 -40.32 11.84 -12.71
C GLN A 47 -40.16 13.30 -12.26
N SER A 48 -40.86 13.74 -11.22
CA SER A 48 -40.80 15.11 -10.65
C SER A 48 -39.56 15.32 -9.73
N GLY A 49 -39.04 14.28 -9.09
CA GLY A 49 -38.13 14.43 -7.94
C GLY A 49 -38.85 14.87 -6.65
N LYS A 50 -40.16 15.08 -6.66
CA LYS A 50 -40.82 15.55 -5.41
C LYS A 50 -40.98 14.38 -4.43
N TYR A 51 -41.00 14.68 -3.14
CA TYR A 51 -41.11 13.69 -2.05
C TYR A 51 -42.54 13.59 -1.52
N VAL A 52 -42.82 12.50 -0.84
CA VAL A 52 -44.14 12.25 -0.24
C VAL A 52 -44.11 12.83 1.16
N HIS A 53 -45.00 13.76 1.42
CA HIS A 53 -45.18 14.38 2.76
C HIS A 53 -46.63 14.28 3.14
N PRO A 54 -46.97 14.22 4.43
CA PRO A 54 -48.29 14.64 4.85
C PRO A 54 -48.43 16.12 4.45
N HIS A 55 -49.60 16.52 3.98
CA HIS A 55 -49.96 17.94 3.76
C HIS A 55 -49.75 18.76 5.05
N GLY A 56 -49.01 19.85 4.94
CA GLY A 56 -48.64 20.72 6.08
C GLY A 56 -47.31 20.31 6.69
N GLY A 57 -46.83 19.09 6.37
CA GLY A 57 -45.47 18.63 6.67
C GLY A 57 -45.29 18.27 8.12
N SER A 58 -46.37 18.08 8.89
CA SER A 58 -46.26 17.84 10.34
C SER A 58 -45.66 16.45 10.61
N ASP A 59 -45.02 16.35 11.76
CA ASP A 59 -44.56 15.08 12.39
C ASP A 59 -45.73 14.46 13.14
N MSE A 60 -46.79 15.25 13.36
N MSE A 60 -46.81 15.24 13.34
CA MSE A 60 -48.01 14.80 14.03
CA MSE A 60 -48.02 14.79 13.99
C MSE A 60 -49.21 15.19 13.15
C MSE A 60 -49.22 15.19 13.14
O MSE A 60 -50.10 15.93 13.57
O MSE A 60 -50.13 15.90 13.56
CB MSE A 60 -48.12 15.38 15.43
CB MSE A 60 -48.09 15.33 15.43
CG MSE A 60 -47.14 14.79 16.45
CG MSE A 60 -46.93 14.85 16.31
SE MSE A 60 -47.49 15.42 18.31
SE MSE A 60 -46.95 12.90 16.54
CE MSE A 60 -46.27 14.53 19.60
CE MSE A 60 -46.03 12.24 18.15
N PRO A 61 -49.33 14.64 11.94
CA PRO A 61 -50.40 15.04 11.04
C PRO A 61 -51.72 14.49 11.61
N GLY A 62 -52.81 15.13 11.22
CA GLY A 62 -54.11 14.79 11.80
C GLY A 62 -54.72 13.65 11.01
N ASN A 63 -55.66 12.96 11.64
CA ASN A 63 -56.52 11.99 10.92
C ASN A 63 -57.14 12.66 9.69
N ASP A 64 -57.11 11.97 8.55
CA ASP A 64 -57.63 12.45 7.25
C ASP A 64 -56.78 13.56 6.64
N THR A 65 -55.56 13.74 7.12
CA THR A 65 -54.58 14.56 6.37
C THR A 65 -54.08 13.77 5.15
N ALA A 66 -54.11 14.40 3.98
CA ALA A 66 -53.68 13.89 2.66
C ALA A 66 -52.17 13.73 2.58
N LEU A 67 -51.75 12.69 1.85
CA LEU A 67 -50.36 12.53 1.37
C LEU A 67 -50.30 13.41 0.16
N VAL A 68 -49.21 14.14 0.00
CA VAL A 68 -49.01 15.02 -1.18
C VAL A 68 -47.56 14.84 -1.61
N LEU A 69 -47.27 15.32 -2.81
CA LEU A 69 -45.90 15.45 -3.30
C LEU A 69 -45.46 16.89 -3.07
N HIS A 70 -44.19 17.11 -2.75
CA HIS A 70 -43.59 18.45 -2.49
C HIS A 70 -42.08 18.32 -2.73
N HIS A 71 -41.46 19.29 -3.40
CA HIS A 71 -40.00 19.38 -3.67
C HIS A 71 -39.22 19.33 -2.36
N GLY A 72 -39.83 19.73 -1.25
CA GLY A 72 -39.11 19.88 0.02
C GLY A 72 -38.44 18.60 0.48
N PHE A 73 -37.19 18.71 0.92
CA PHE A 73 -36.37 17.60 1.44
C PHE A 73 -35.39 18.09 2.51
N ASP A 74 -35.30 17.32 3.57
CA ASP A 74 -34.32 17.51 4.66
C ASP A 74 -34.11 16.14 5.30
N GLU A 75 -32.97 15.49 5.01
CA GLU A 75 -32.60 14.15 5.55
C GLU A 75 -33.00 14.05 7.03
N LYS A 76 -32.97 15.16 7.78
CA LYS A 76 -33.09 15.12 9.25
C LYS A 76 -34.57 15.17 9.67
N ARG A 77 -35.49 15.39 8.74
CA ARG A 77 -36.95 15.58 9.00
C ARG A 77 -37.66 14.21 9.09
N ASP A 78 -38.06 13.80 10.29
CA ASP A 78 -38.71 12.50 10.54
C ASP A 78 -40.09 12.43 9.89
N ALA A 79 -40.73 13.56 9.67
CA ALA A 79 -42.08 13.70 9.09
C ALA A 79 -42.05 13.25 7.62
N LEU A 80 -40.85 13.16 7.05
CA LEU A 80 -40.62 12.66 5.67
C LEU A 80 -40.47 11.15 5.60
N ARG A 81 -40.40 10.48 6.75
CA ARG A 81 -40.01 9.08 6.78
C ARG A 81 -41.28 8.22 6.76
N TRP A 82 -41.22 7.11 6.00
CA TRP A 82 -42.30 6.09 5.94
C TRP A 82 -41.73 4.70 6.16
N VAL A 83 -42.55 3.79 6.65
CA VAL A 83 -42.17 2.39 6.98
C VAL A 83 -43.18 1.42 6.42
N PHE A 84 -42.70 0.51 5.57
CA PHE A 84 -43.54 -0.60 5.07
C PHE A 84 -43.70 -1.67 6.16
N VAL A 85 -44.93 -2.00 6.47
CA VAL A 85 -45.31 -2.98 7.52
C VAL A 85 -45.91 -4.21 6.84
N ASN A 86 -45.37 -5.38 7.22
CA ASN A 86 -45.88 -6.69 6.76
C ASN A 86 -45.52 -7.77 7.78
N ASP A 87 -46.39 -7.99 8.73
CA ASP A 87 -46.13 -8.90 9.88
C ASP A 87 -47.46 -9.59 10.22
N ALA A 88 -47.51 -10.40 11.28
CA ALA A 88 -48.70 -11.18 11.68
C ALA A 88 -49.80 -10.21 12.11
N GLU A 89 -49.40 -9.14 12.81
CA GLU A 89 -50.24 -8.02 13.32
C GLU A 89 -50.82 -7.17 12.15
N ASN A 90 -50.01 -6.75 11.15
CA ASN A 90 -50.44 -5.89 10.00
C ASN A 90 -49.93 -6.42 8.63
N LYS A 91 -50.85 -6.77 7.73
CA LYS A 91 -50.50 -7.34 6.41
C LYS A 91 -50.45 -6.22 5.36
N HIS A 92 -49.29 -5.95 4.74
CA HIS A 92 -49.18 -5.00 3.58
C HIS A 92 -49.75 -3.63 3.95
N GLN A 93 -49.15 -2.93 4.93
CA GLN A 93 -49.53 -1.54 5.25
C GLN A 93 -48.33 -0.60 5.13
N LEU A 94 -48.62 0.69 5.05
CA LEU A 94 -47.61 1.77 5.00
C LEU A 94 -47.86 2.67 6.19
N LYS A 95 -46.78 2.98 6.89
CA LYS A 95 -46.88 3.71 8.16
C LYS A 95 -46.07 5.00 8.07
N HIS A 96 -46.60 6.08 8.62
CA HIS A 96 -45.89 7.36 8.82
C HIS A 96 -44.97 7.21 10.01
N TYR A 97 -43.66 7.22 9.80
CA TYR A 97 -42.68 6.95 10.90
C TYR A 97 -42.88 7.87 12.11
N SER A 98 -43.01 9.19 11.93
CA SER A 98 -43.03 10.15 13.08
C SER A 98 -44.30 10.01 13.91
N SER A 99 -45.44 9.68 13.31
CA SER A 99 -46.78 9.63 13.97
C SER A 99 -47.24 8.21 14.29
N GLY A 100 -46.74 7.19 13.58
CA GLY A 100 -47.25 5.80 13.69
C GLY A 100 -48.58 5.63 12.99
N LYS A 101 -49.09 6.63 12.25
CA LYS A 101 -50.37 6.51 11.55
C LYS A 101 -50.19 5.69 10.27
N PHE A 102 -51.22 4.91 9.90
CA PHE A 102 -51.19 4.12 8.67
C PHE A 102 -51.76 5.00 7.55
N VAL A 103 -51.49 4.61 6.29
CA VAL A 103 -52.04 5.23 5.08
C VAL A 103 -53.28 4.47 4.62
N HIS A 104 -54.38 5.21 4.56
CA HIS A 104 -55.75 4.72 4.27
C HIS A 104 -56.26 5.43 3.01
N PRO A 105 -57.22 4.81 2.33
CA PRO A 105 -58.09 5.55 1.39
C PRO A 105 -59.02 6.46 2.21
N LYS A 106 -59.27 7.65 1.74
CA LYS A 106 -60.13 8.60 2.50
C LYS A 106 -61.55 8.11 2.35
N GLY A 107 -62.23 7.77 3.45
CA GLY A 107 -63.59 7.21 3.39
C GLY A 107 -63.60 5.71 3.61
N GLY A 108 -62.45 5.05 3.50
CA GLY A 108 -62.31 3.65 3.94
C GLY A 108 -62.38 2.64 2.79
N LYS A 109 -62.63 3.11 1.56
CA LYS A 109 -62.71 2.29 0.32
C LYS A 109 -61.69 2.77 -0.74
N VAL A 110 -60.86 1.87 -1.21
CA VAL A 110 -60.00 2.20 -2.38
C VAL A 110 -60.89 2.21 -3.62
N GLY A 111 -60.91 3.33 -4.34
CA GLY A 111 -61.70 3.51 -5.57
C GLY A 111 -61.12 4.65 -6.35
N LYS A 112 -61.68 4.94 -7.51
CA LYS A 112 -61.18 6.00 -8.45
C LYS A 112 -61.07 7.33 -7.69
N GLU A 113 -59.87 7.90 -7.56
CA GLU A 113 -59.55 9.25 -6.99
C GLU A 113 -59.72 9.21 -5.48
N ALA A 114 -59.67 8.05 -4.86
CA ALA A 114 -59.72 8.03 -3.38
C ALA A 114 -58.35 8.56 -2.94
N THR A 115 -58.35 9.70 -2.24
CA THR A 115 -57.15 10.34 -1.65
C THR A 115 -56.49 9.41 -0.65
N LEU A 116 -55.17 9.33 -0.70
CA LEU A 116 -54.39 8.70 0.39
C LEU A 116 -54.27 9.68 1.55
N VAL A 117 -54.58 9.22 2.75
CA VAL A 117 -54.53 10.06 3.96
C VAL A 117 -53.83 9.27 5.06
N VAL A 118 -53.40 9.94 6.15
CA VAL A 118 -52.91 9.17 7.35
C VAL A 118 -54.08 9.05 8.31
N HIS A 119 -54.11 8.03 9.11
CA HIS A 119 -55.20 7.87 10.09
C HIS A 119 -54.69 6.93 11.17
N SER A 120 -55.14 7.11 12.40
CA SER A 120 -54.71 6.29 13.56
C SER A 120 -55.36 4.89 13.54
N SER A 121 -56.42 4.70 12.79
CA SER A 121 -57.12 3.40 12.68
C SER A 121 -56.18 2.34 12.12
N PRO A 122 -56.24 1.10 12.60
CA PRO A 122 -55.33 0.07 12.13
C PRO A 122 -55.67 -0.26 10.66
N GLY A 123 -54.73 -0.86 9.96
CA GLY A 123 -54.93 -1.30 8.56
C GLY A 123 -55.83 -2.54 8.46
N ARG A 124 -56.34 -2.73 7.26
CA ARG A 124 -57.29 -3.79 6.88
C ARG A 124 -56.94 -4.22 5.48
N PRO A 125 -57.46 -5.40 5.03
CA PRO A 125 -57.30 -5.83 3.64
C PRO A 125 -57.63 -4.73 2.64
N GLU A 126 -58.74 -4.05 2.93
CA GLU A 126 -59.28 -2.90 2.17
C GLU A 126 -58.40 -1.65 2.29
N THR A 127 -57.28 -1.64 3.04
CA THR A 127 -56.36 -0.45 3.05
C THR A 127 -54.96 -0.82 2.53
N MSE A 128 -54.77 -2.10 2.21
CA MSE A 128 -53.45 -2.63 1.89
C MSE A 128 -52.78 -1.75 0.84
O MSE A 128 -53.45 -1.20 -0.02
CB MSE A 128 -53.54 -4.08 1.43
CG MSE A 128 -53.75 -5.04 2.63
SE MSE A 128 -53.72 -6.92 2.03
CE MSE A 128 -54.91 -6.89 0.51
N ILE A 129 -51.49 -1.55 1.01
CA ILE A 129 -50.67 -0.74 0.12
C ILE A 129 -49.27 -1.29 0.25
N GLU A 130 -48.60 -1.49 -0.87
CA GLU A 130 -47.24 -2.07 -0.92
C GLU A 130 -46.56 -1.51 -2.17
N MSE A 131 -45.22 -1.52 -2.15
CA MSE A 131 -44.44 -1.25 -3.34
C MSE A 131 -44.26 -2.55 -4.13
O MSE A 131 -43.91 -3.56 -3.56
CB MSE A 131 -43.07 -0.68 -2.93
CG MSE A 131 -42.26 -0.19 -4.12
SE MSE A 131 -42.83 1.57 -4.68
CE MSE A 131 -41.85 2.66 -3.33
N VAL A 132 -44.47 -2.49 -5.45
CA VAL A 132 -44.46 -3.66 -6.29
C VAL A 132 -43.59 -3.30 -7.49
N GLN A 133 -43.06 -4.30 -8.18
CA GLN A 133 -42.27 -4.10 -9.40
C GLN A 133 -43.16 -4.51 -10.56
N GLU A 134 -43.29 -3.66 -11.58
CA GLU A 134 -44.06 -4.00 -12.81
C GLU A 134 -43.26 -3.43 -13.98
N ASP A 135 -42.85 -4.34 -14.87
CA ASP A 135 -42.06 -4.07 -16.11
C ASP A 135 -40.83 -3.20 -15.76
N GLY A 136 -40.08 -3.53 -14.72
CA GLY A 136 -38.80 -2.84 -14.47
C GLY A 136 -38.87 -1.57 -13.59
N ARG A 137 -40.04 -1.21 -13.07
N ARG A 137 -40.04 -1.21 -13.07
CA ARG A 137 -40.20 0.03 -12.26
CA ARG A 137 -40.20 0.03 -12.26
C ARG A 137 -40.91 -0.34 -10.95
C ARG A 137 -40.91 -0.34 -10.95
N THR A 138 -40.78 0.50 -9.93
CA THR A 138 -41.46 0.31 -8.63
C THR A 138 -42.61 1.30 -8.54
N TYR A 139 -43.76 0.79 -8.10
CA TYR A 139 -45.06 1.51 -7.99
C TYR A 139 -45.68 1.21 -6.65
N LEU A 140 -46.50 2.13 -6.13
CA LEU A 140 -47.35 1.84 -4.95
C LEU A 140 -48.66 1.28 -5.46
N ARG A 141 -49.15 0.21 -4.86
CA ARG A 141 -50.33 -0.50 -5.38
C ARG A 141 -51.19 -0.94 -4.23
N HIS A 142 -52.52 -0.80 -4.34
CA HIS A 142 -53.42 -1.43 -3.36
C HIS A 142 -53.42 -2.94 -3.66
N THR A 143 -52.81 -3.73 -2.78
CA THR A 143 -52.73 -5.21 -2.87
C THR A 143 -54.09 -5.82 -3.22
N ASP A 144 -54.10 -6.81 -4.14
CA ASP A 144 -55.23 -7.63 -4.62
C ASP A 144 -56.17 -6.73 -5.44
N SER A 145 -55.69 -5.62 -6.01
CA SER A 145 -56.52 -4.70 -6.82
C SER A 145 -55.72 -4.24 -8.04
N ASP A 146 -56.38 -3.67 -9.05
CA ASP A 146 -55.74 -2.94 -10.16
C ASP A 146 -55.60 -1.45 -9.81
N TYR A 147 -55.82 -1.03 -8.54
CA TYR A 147 -55.57 0.38 -8.15
C TYR A 147 -54.11 0.66 -7.75
N TYR A 148 -53.52 1.65 -8.41
CA TYR A 148 -52.18 2.15 -8.07
C TYR A 148 -52.26 3.60 -7.55
N VAL A 149 -51.13 4.14 -7.10
CA VAL A 149 -51.08 5.49 -6.50
C VAL A 149 -50.69 6.45 -7.59
N HIS A 150 -51.55 7.41 -7.89
CA HIS A 150 -51.26 8.47 -8.89
C HIS A 150 -51.21 9.83 -8.21
N PRO A 151 -50.48 10.80 -8.76
CA PRO A 151 -50.73 12.20 -8.41
C PRO A 151 -52.09 12.61 -9.02
N HIS A 152 -52.94 13.25 -8.22
CA HIS A 152 -54.24 13.78 -8.71
C HIS A 152 -53.95 14.62 -9.95
N GLY A 153 -54.64 14.28 -11.05
CA GLY A 153 -54.48 15.00 -12.32
C GLY A 153 -53.51 14.28 -13.24
N GLY A 154 -52.70 13.36 -12.70
CA GLY A 154 -51.92 12.41 -13.54
C GLY A 154 -50.73 13.04 -14.25
N SER A 155 -50.29 14.23 -13.81
CA SER A 155 -49.13 14.93 -14.44
C SER A 155 -47.84 14.18 -14.18
N PRO A 156 -46.93 14.07 -15.18
CA PRO A 156 -45.60 13.55 -14.91
C PRO A 156 -44.81 14.45 -13.97
N ASN A 157 -45.15 15.73 -13.91
CA ASN A 157 -44.48 16.70 -13.04
C ASN A 157 -45.55 17.49 -12.31
N PRO A 158 -46.19 16.87 -11.31
CA PRO A 158 -47.17 17.60 -10.53
C PRO A 158 -46.55 18.75 -9.71
N GLY A 159 -47.36 19.75 -9.43
CA GLY A 159 -46.98 20.89 -8.60
C GLY A 159 -46.97 20.51 -7.14
N ASP A 160 -46.17 21.24 -6.37
CA ASP A 160 -46.16 21.16 -4.88
C ASP A 160 -47.59 21.09 -4.33
N ASN A 161 -47.79 20.20 -3.39
CA ASN A 161 -49.04 20.01 -2.61
C ASN A 161 -50.09 19.26 -3.45
N THR A 162 -49.73 18.72 -4.61
CA THR A 162 -50.64 17.80 -5.32
C THR A 162 -50.88 16.55 -4.49
N ARG A 163 -52.13 16.18 -4.28
CA ARG A 163 -52.50 15.04 -3.42
C ARG A 163 -52.29 13.73 -4.20
N LEU A 164 -52.00 12.67 -3.48
CA LEU A 164 -51.83 11.32 -4.06
C LEU A 164 -53.18 10.61 -4.01
N VAL A 165 -53.58 9.89 -5.06
CA VAL A 165 -54.90 9.19 -5.06
C VAL A 165 -54.71 7.77 -5.55
N TYR A 166 -55.70 6.97 -5.33
CA TYR A 166 -55.81 5.62 -5.86
C TYR A 166 -56.42 5.79 -7.25
N TYR A 167 -56.00 4.97 -8.23
CA TYR A 167 -56.60 4.99 -9.58
C TYR A 167 -56.19 3.73 -10.36
N SER A 168 -57.07 3.27 -11.25
CA SER A 168 -56.87 2.01 -12.01
C SER A 168 -55.61 2.11 -12.88
N GLY A 169 -54.79 1.07 -12.85
CA GLY A 169 -53.65 0.96 -13.81
C GLY A 169 -52.47 1.84 -13.44
N TYR A 170 -51.38 1.64 -14.18
CA TYR A 170 -50.05 2.26 -13.92
C TYR A 170 -49.40 2.63 -15.24
N ARG A 171 -48.43 3.52 -15.18
CA ARG A 171 -47.63 3.90 -16.37
C ARG A 171 -46.31 4.44 -15.84
N PRO A 172 -45.23 4.42 -16.65
CA PRO A 172 -43.91 4.75 -16.14
C PRO A 172 -43.89 6.00 -15.25
N SER A 173 -44.66 7.04 -15.61
CA SER A 173 -44.62 8.37 -14.96
C SER A 173 -45.01 8.28 -13.47
N LEU A 174 -45.60 7.18 -13.03
CA LEU A 174 -46.10 7.04 -11.62
C LEU A 174 -45.07 6.37 -10.73
N ALA A 175 -43.92 6.02 -11.26
CA ALA A 175 -42.96 5.20 -10.50
C ALA A 175 -42.52 5.97 -9.26
N PHE A 176 -42.37 5.26 -8.17
CA PHE A 176 -41.73 5.76 -6.93
C PHE A 176 -40.37 5.10 -6.70
N LEU A 177 -39.54 5.80 -5.93
CA LEU A 177 -38.21 5.35 -5.48
C LEU A 177 -38.21 5.35 -3.97
N ALA A 178 -38.03 4.19 -3.33
CA ALA A 178 -37.87 4.14 -1.86
C ALA A 178 -36.38 4.29 -1.49
N ILE A 179 -36.04 5.41 -0.85
CA ILE A 179 -34.66 5.83 -0.51
C ILE A 179 -34.46 5.51 0.94
N PRO A 180 -33.47 4.67 1.30
CA PRO A 180 -33.28 4.31 2.70
C PRO A 180 -32.96 5.59 3.50
N ALA A 181 -33.56 5.71 4.70
CA ALA A 181 -33.57 6.94 5.54
C ALA A 181 -33.01 6.64 6.96
N GLU A 182 -32.29 5.53 7.11
CA GLU A 182 -31.54 5.14 8.32
C GLU A 182 -30.33 4.27 7.91
N THR A 183 -29.32 4.21 8.77
CA THR A 183 -28.08 3.45 8.48
C THR A 183 -28.12 2.13 9.21
N LEU A 184 -27.91 1.03 8.50
CA LEU A 184 -27.95 -0.31 9.14
C LEU A 184 -26.51 -0.79 9.36
N PHE A 185 -26.34 -1.82 10.16
CA PHE A 185 -25.08 -2.56 10.38
C PHE A 185 -25.18 -3.91 9.66
N VAL A 186 -24.21 -4.27 8.84
CA VAL A 186 -24.19 -5.62 8.20
C VAL A 186 -23.63 -6.65 9.20
N ASP A 187 -24.45 -7.58 9.67
CA ASP A 187 -24.00 -8.50 10.75
C ASP A 187 -23.18 -9.67 10.13
N ARG A 188 -23.52 -10.13 8.92
CA ARG A 188 -23.01 -11.40 8.33
C ARG A 188 -23.74 -11.67 7.01
N ILE A 189 -23.05 -12.33 6.09
CA ILE A 189 -23.57 -12.89 4.81
C ILE A 189 -23.35 -14.42 4.80
N GLU A 190 -24.42 -15.16 4.53
CA GLU A 190 -24.43 -16.64 4.50
C GLU A 190 -24.66 -17.05 3.05
N ILE A 191 -23.61 -17.57 2.45
CA ILE A 191 -23.59 -18.35 1.18
C ILE A 191 -24.69 -19.42 1.22
N HIS A 192 -25.45 -19.57 0.15
CA HIS A 192 -26.30 -20.78 -0.11
C HIS A 192 -25.41 -21.90 -0.68
N GLN A 193 -24.97 -22.84 0.17
CA GLN A 193 -23.84 -23.76 -0.10
C GLN A 193 -24.18 -24.64 -1.31
N ALA A 194 -25.42 -25.04 -1.46
CA ALA A 194 -25.85 -26.04 -2.46
C ALA A 194 -25.75 -25.45 -3.87
N GLN A 195 -25.90 -24.13 -4.04
CA GLN A 195 -25.82 -23.46 -5.37
C GLN A 195 -24.49 -22.71 -5.52
N ALA A 196 -23.51 -22.97 -4.64
CA ALA A 196 -22.17 -22.30 -4.66
C ALA A 196 -21.33 -22.94 -5.77
N LEU A 197 -20.82 -22.17 -6.71
CA LEU A 197 -20.05 -22.76 -7.82
C LEU A 197 -18.56 -22.39 -7.62
N GLU A 198 -17.66 -23.31 -7.98
CA GLU A 198 -16.21 -23.17 -7.76
C GLU A 198 -15.42 -23.68 -8.98
N SER A 199 -14.55 -22.81 -9.48
CA SER A 199 -13.70 -23.02 -10.67
C SER A 199 -12.26 -22.75 -10.23
N ILE A 200 -11.42 -23.78 -10.17
CA ILE A 200 -10.03 -23.65 -9.66
C ILE A 200 -9.13 -23.57 -10.88
N ASN A 201 -8.18 -22.63 -10.91
CA ASN A 201 -7.24 -22.57 -12.06
C ASN A 201 -5.82 -22.24 -11.61
N THR A 202 -4.85 -22.64 -12.42
CA THR A 202 -3.42 -22.40 -12.16
C THR A 202 -2.99 -21.26 -13.06
N ILE A 203 -2.60 -20.14 -12.47
CA ILE A 203 -1.91 -19.02 -13.18
C ILE A 203 -0.39 -19.30 -13.15
N THR A 204 0.21 -19.40 -14.33
CA THR A 204 1.63 -19.77 -14.54
C THR A 204 2.33 -18.52 -15.09
N SER A 205 3.25 -17.96 -14.30
CA SER A 205 4.13 -16.85 -14.76
C SER A 205 5.56 -17.35 -14.94
N LEU A 206 6.18 -17.05 -16.09
CA LEU A 206 7.62 -17.27 -16.37
C LEU A 206 8.36 -15.93 -16.33
N SER A 207 9.41 -15.82 -15.53
CA SER A 207 10.38 -14.69 -15.57
C SER A 207 11.08 -14.62 -16.94
N ASP A 208 11.89 -13.59 -17.15
CA ASP A 208 12.79 -13.57 -18.33
C ASP A 208 13.75 -14.76 -18.23
N GLU A 209 14.32 -15.17 -19.34
CA GLU A 209 15.47 -16.09 -19.36
C GLU A 209 16.68 -15.36 -18.76
N HIS A 210 17.48 -16.07 -17.96
CA HIS A 210 18.77 -15.55 -17.44
C HIS A 210 19.84 -16.55 -17.83
N ARG A 211 20.85 -16.10 -18.54
CA ARG A 211 21.96 -16.99 -18.99
C ARG A 211 23.28 -16.60 -18.32
N ASN A 212 24.11 -17.58 -17.96
CA ASN A 212 25.42 -17.32 -17.30
C ASN A 212 26.54 -17.60 -18.31
N ASP A 213 27.05 -16.51 -18.91
CA ASP A 213 28.03 -16.50 -20.02
C ASP A 213 29.45 -16.30 -19.43
N THR A 214 29.62 -16.48 -18.12
CA THR A 214 30.95 -16.58 -17.48
C THR A 214 31.32 -18.05 -17.34
N ASP A 215 32.58 -18.28 -16.97
CA ASP A 215 33.22 -19.59 -16.70
C ASP A 215 33.13 -19.95 -15.21
N GLN A 216 32.38 -19.22 -14.37
CA GLN A 216 32.11 -19.66 -12.96
C GLN A 216 30.63 -19.53 -12.61
N PRO A 217 30.09 -20.37 -11.68
CA PRO A 217 28.69 -20.27 -11.28
C PRO A 217 28.34 -18.86 -10.76
N VAL A 218 27.25 -18.24 -11.21
CA VAL A 218 26.88 -16.87 -10.74
C VAL A 218 25.55 -16.98 -10.01
N GLN A 219 25.51 -16.51 -8.74
CA GLN A 219 24.22 -16.42 -7.99
C GLN A 219 23.56 -15.10 -8.45
N THR A 220 22.42 -15.20 -9.13
CA THR A 220 21.77 -14.10 -9.90
C THR A 220 20.38 -13.79 -9.31
N SER A 221 20.07 -12.51 -9.11
CA SER A 221 18.74 -12.01 -8.65
C SER A 221 17.75 -12.19 -9.81
N ILE A 222 16.65 -12.90 -9.61
CA ILE A 222 15.60 -12.99 -10.66
C ILE A 222 14.30 -12.54 -10.01
N SER A 223 13.68 -11.51 -10.57
CA SER A 223 12.41 -10.93 -10.03
C SER A 223 11.32 -11.00 -11.08
N VAL A 224 10.08 -10.99 -10.59
CA VAL A 224 8.83 -11.02 -11.42
C VAL A 224 7.76 -10.27 -10.62
N ALA A 225 7.06 -9.40 -11.33
CA ALA A 225 6.01 -8.50 -10.80
C ALA A 225 4.66 -9.12 -11.20
N LEU A 226 3.79 -9.51 -10.27
CA LEU A 226 2.58 -10.29 -10.66
C LEU A 226 1.33 -9.62 -10.09
N GLU A 227 1.42 -8.32 -9.78
CA GLU A 227 0.37 -7.54 -9.07
C GLU A 227 -0.93 -7.65 -9.84
N GLU A 228 -0.89 -7.49 -11.16
CA GLU A 228 -2.11 -7.45 -12.01
C GLU A 228 -2.62 -8.87 -12.24
N SER A 229 -1.72 -9.88 -12.25
CA SER A 229 -2.05 -11.31 -12.50
C SER A 229 -2.76 -11.89 -11.28
N LEU A 230 -2.36 -11.50 -10.08
CA LEU A 230 -2.80 -12.22 -8.85
C LEU A 230 -3.61 -11.28 -7.97
N GLN A 231 -4.34 -10.35 -8.58
CA GLN A 231 -5.31 -9.44 -7.90
C GLN A 231 -6.48 -10.28 -7.40
N ASP A 232 -6.68 -10.27 -6.10
CA ASP A 232 -7.84 -10.84 -5.37
C ASP A 232 -8.97 -9.83 -5.43
N SER A 233 -10.23 -10.29 -5.49
CA SER A 233 -11.44 -9.43 -5.54
C SER A 233 -12.65 -10.19 -5.02
N ALA A 234 -13.61 -9.45 -4.44
CA ALA A 234 -14.95 -9.96 -4.05
C ALA A 234 -16.00 -8.93 -4.44
N GLN A 235 -17.17 -9.37 -4.88
CA GLN A 235 -18.25 -8.51 -5.43
C GLN A 235 -19.57 -8.98 -4.80
N LEU A 236 -20.37 -8.07 -4.27
CA LEU A 236 -21.82 -8.34 -4.00
C LEU A 236 -22.60 -7.69 -5.14
N SER A 237 -23.43 -8.47 -5.80
CA SER A 237 -24.23 -7.99 -6.95
C SER A 237 -25.74 -8.12 -6.62
N PHE A 238 -26.55 -7.21 -7.18
CA PHE A 238 -28.01 -7.09 -6.93
C PHE A 238 -28.69 -6.79 -8.26
N GLU A 239 -29.91 -7.29 -8.48
CA GLU A 239 -30.66 -7.10 -9.76
C GLU A 239 -30.89 -5.58 -9.96
N ARG A 240 -31.30 -4.87 -8.91
CA ARG A 240 -31.69 -3.44 -9.04
C ARG A 240 -30.60 -2.58 -8.43
N CYS A 241 -30.53 -2.58 -7.13
CA CYS A 241 -29.47 -1.88 -6.41
C CYS A 241 -29.56 -2.41 -4.99
N PHE A 242 -28.49 -2.31 -4.22
CA PHE A 242 -28.41 -2.84 -2.82
C PHE A 242 -29.58 -2.21 -2.04
N GLY A 243 -29.74 -0.90 -2.17
CA GLY A 243 -30.87 -0.13 -1.59
C GLY A 243 -30.87 -0.04 -0.07
N LEU A 244 -29.76 -0.34 0.61
CA LEU A 244 -29.68 -0.08 2.07
C LEU A 244 -28.49 0.82 2.34
N LYS A 245 -28.56 1.61 3.40
CA LYS A 245 -27.45 2.47 3.88
C LYS A 245 -26.77 1.71 5.02
N VAL A 246 -25.45 1.48 4.93
CA VAL A 246 -24.69 0.65 5.92
C VAL A 246 -23.37 1.32 6.33
N GLY A 247 -23.08 2.53 5.87
CA GLY A 247 -21.85 3.24 6.28
C GLY A 247 -20.86 3.23 5.14
N SER A 248 -19.65 3.73 5.39
CA SER A 248 -18.64 4.00 4.34
C SER A 248 -18.00 2.69 3.86
N GLU A 249 -17.77 1.75 4.79
CA GLU A 249 -17.00 0.50 4.60
C GLU A 249 -17.58 -0.52 5.59
N PHE A 250 -17.64 -1.79 5.23
CA PHE A 250 -18.12 -2.86 6.15
C PHE A 250 -17.27 -4.08 5.85
N GLU A 251 -17.08 -4.94 6.82
CA GLU A 251 -16.19 -6.12 6.66
C GLU A 251 -17.01 -7.36 7.07
N VAL A 252 -16.89 -8.44 6.30
CA VAL A 252 -17.55 -9.76 6.52
C VAL A 252 -16.54 -10.86 6.17
N GLY A 253 -16.67 -12.02 6.79
CA GLY A 253 -15.89 -13.21 6.44
C GLY A 253 -16.61 -13.97 5.35
N LEU A 254 -16.00 -14.08 4.18
CA LEU A 254 -16.59 -14.81 3.04
C LEU A 254 -15.74 -16.02 2.80
N PRO A 255 -16.36 -17.18 2.45
CA PRO A 255 -15.58 -18.36 2.10
C PRO A 255 -15.04 -18.16 0.69
N LEU A 256 -13.78 -17.72 0.56
CA LEU A 256 -13.18 -17.40 -0.74
C LEU A 256 -12.64 -18.63 -1.47
N VAL A 257 -12.29 -19.72 -0.75
CA VAL A 257 -11.94 -21.06 -1.32
C VAL A 257 -12.29 -22.16 -0.33
N GLY A 258 -12.88 -23.25 -0.84
CA GLY A 258 -13.66 -24.22 -0.05
C GLY A 258 -14.56 -23.51 0.94
N LYS A 259 -14.52 -23.89 2.22
CA LYS A 259 -15.33 -23.31 3.31
C LYS A 259 -14.47 -22.41 4.20
N THR A 260 -13.21 -22.10 3.82
CA THR A 260 -12.25 -21.33 4.65
C THR A 260 -12.59 -19.83 4.59
N LYS A 261 -13.06 -19.23 5.69
CA LYS A 261 -13.49 -17.80 5.72
C LYS A 261 -12.29 -16.83 5.59
N VAL A 262 -12.45 -15.76 4.81
CA VAL A 262 -11.46 -14.64 4.68
C VAL A 262 -12.16 -13.30 4.88
N SER A 263 -11.45 -12.35 5.49
CA SER A 263 -12.00 -11.01 5.82
C SER A 263 -12.01 -10.17 4.54
N VAL A 264 -13.20 -9.75 4.10
CA VAL A 264 -13.35 -8.85 2.92
C VAL A 264 -13.90 -7.50 3.38
N GLN A 265 -13.33 -6.41 2.91
CA GLN A 265 -13.74 -5.02 3.22
C GLN A 265 -14.46 -4.41 1.99
N PHE A 266 -15.75 -4.17 2.13
CA PHE A 266 -16.63 -3.66 1.07
C PHE A 266 -16.84 -2.17 1.33
N SER A 267 -16.87 -1.39 0.27
CA SER A 267 -17.36 0.00 0.29
C SER A 267 -18.29 0.18 -0.93
N GLY A 268 -19.47 0.70 -0.68
CA GLY A 268 -20.33 1.14 -1.78
C GLY A 268 -21.37 2.11 -1.27
N SER A 269 -22.44 2.19 -2.02
CA SER A 269 -23.60 3.09 -1.83
C SER A 269 -24.87 2.24 -1.97
N TRP A 270 -25.95 2.65 -1.32
CA TRP A 270 -27.26 1.99 -1.53
C TRP A 270 -27.61 1.94 -3.04
N LYS A 271 -27.11 2.87 -3.82
CA LYS A 271 -27.45 2.93 -5.27
C LYS A 271 -26.60 1.95 -6.08
N SER A 272 -25.68 1.22 -5.44
CA SER A 272 -24.74 0.35 -6.19
C SER A 272 -25.48 -0.94 -6.57
N SER A 273 -25.37 -1.37 -7.82
CA SER A 273 -25.80 -2.74 -8.23
C SER A 273 -24.61 -3.74 -8.06
N THR A 274 -23.40 -3.24 -7.89
CA THR A 274 -22.18 -4.05 -7.62
C THR A 274 -21.31 -3.35 -6.56
N ILE A 275 -21.15 -3.97 -5.40
CA ILE A 275 -20.27 -3.46 -4.31
C ILE A 275 -18.92 -4.23 -4.35
N LYS A 276 -17.84 -3.49 -4.60
CA LYS A 276 -16.45 -4.00 -4.70
C LYS A 276 -15.92 -4.22 -3.28
N GLY A 277 -15.24 -5.35 -3.13
CA GLY A 277 -14.67 -5.90 -1.89
C GLY A 277 -13.16 -6.06 -2.07
N GLU A 278 -12.39 -5.68 -1.05
CA GLU A 278 -10.90 -5.77 -1.04
C GLU A 278 -10.57 -6.91 -0.07
N VAL A 279 -9.63 -7.76 -0.44
CA VAL A 279 -9.15 -8.83 0.45
C VAL A 279 -7.96 -8.31 1.25
N ARG A 280 -8.05 -8.34 2.59
CA ARG A 280 -7.08 -7.75 3.58
C ARG A 280 -5.76 -8.53 3.61
N THR A 281 -5.83 -9.84 3.90
CA THR A 281 -4.69 -10.77 3.98
C THR A 281 -4.48 -11.38 2.60
N SER A 282 -3.33 -11.14 1.98
CA SER A 282 -2.89 -11.80 0.72
C SER A 282 -2.31 -13.18 1.10
N ALA A 283 -2.67 -14.26 0.41
CA ALA A 283 -2.26 -15.64 0.74
C ALA A 283 -1.08 -16.11 -0.12
N VAL A 284 -0.66 -15.29 -1.11
CA VAL A 284 0.46 -15.57 -2.06
C VAL A 284 1.37 -14.35 -2.13
N LYS A 285 2.38 -14.32 -3.02
CA LYS A 285 3.31 -13.19 -3.17
C LYS A 285 3.16 -12.59 -4.57
N VAL A 286 3.13 -11.26 -4.68
CA VAL A 286 2.96 -10.56 -5.99
C VAL A 286 4.31 -10.00 -6.47
N GLN A 287 5.32 -10.00 -5.59
CA GLN A 287 6.73 -9.64 -5.89
C GLN A 287 7.56 -10.87 -5.64
N ILE A 288 8.03 -11.53 -6.70
CA ILE A 288 8.85 -12.76 -6.47
C ILE A 288 10.30 -12.34 -6.62
N ASN A 289 11.16 -12.68 -5.66
CA ASN A 289 12.61 -12.38 -5.77
C ASN A 289 13.45 -13.58 -5.33
N GLU A 290 14.02 -14.29 -6.30
CA GLU A 290 14.81 -15.53 -6.03
C GLU A 290 16.28 -15.29 -6.38
N HIS A 291 17.20 -15.90 -5.64
CA HIS A 291 18.68 -15.81 -5.81
C HIS A 291 19.15 -17.14 -6.35
N VAL A 292 19.45 -17.22 -7.64
CA VAL A 292 19.58 -18.50 -8.36
C VAL A 292 21.04 -18.65 -8.81
N THR A 293 21.71 -19.68 -8.32
CA THR A 293 23.07 -20.06 -8.80
C THR A 293 22.89 -20.63 -10.21
N ILE A 294 23.33 -19.88 -11.20
CA ILE A 294 23.28 -20.33 -12.60
C ILE A 294 24.65 -20.88 -12.92
N PRO A 295 24.74 -22.18 -13.29
CA PRO A 295 26.01 -22.81 -13.67
C PRO A 295 26.58 -22.25 -14.97
N PRO A 296 27.92 -22.33 -15.20
CA PRO A 296 28.53 -21.77 -16.41
C PRO A 296 27.82 -22.26 -17.68
N GLY A 297 27.46 -21.33 -18.58
CA GLY A 297 26.86 -21.57 -19.91
C GLY A 297 25.36 -21.92 -19.85
N LYS A 298 24.71 -21.86 -18.70
CA LYS A 298 23.31 -22.38 -18.54
C LYS A 298 22.29 -21.22 -18.57
N CYS A 299 21.08 -21.52 -19.02
CA CYS A 299 19.93 -20.57 -19.02
C CYS A 299 18.87 -21.09 -18.05
N VAL A 300 18.32 -20.23 -17.19
CA VAL A 300 17.21 -20.59 -16.26
C VAL A 300 16.11 -19.53 -16.36
N GLN A 301 14.98 -19.86 -15.75
CA GLN A 301 13.72 -19.08 -15.67
C GLN A 301 13.15 -19.39 -14.30
N ILE A 302 12.48 -18.46 -13.68
CA ILE A 302 11.63 -18.71 -12.49
C ILE A 302 10.25 -19.02 -13.08
N ARG A 303 9.62 -20.12 -12.66
CA ARG A 303 8.23 -20.47 -13.00
C ARG A 303 7.39 -20.32 -11.73
N ILE A 304 6.41 -19.42 -11.74
CA ILE A 304 5.48 -19.27 -10.59
C ILE A 304 4.14 -19.88 -11.01
N ASP A 305 3.62 -20.80 -10.21
CA ASP A 305 2.33 -21.50 -10.39
C ASP A 305 1.46 -21.05 -9.24
N THR A 306 0.44 -20.25 -9.55
CA THR A 306 -0.46 -19.71 -8.51
C THR A 306 -1.83 -20.27 -8.83
N ARG A 307 -2.49 -20.78 -7.81
CA ARG A 307 -3.86 -21.30 -7.88
C ARG A 307 -4.86 -20.15 -7.71
N ARG A 308 -5.89 -20.13 -8.53
CA ARG A 308 -6.96 -19.13 -8.40
C ARG A 308 -8.27 -19.87 -8.19
N CYS A 309 -8.97 -19.51 -7.14
CA CYS A 309 -10.40 -19.88 -6.94
C CYS A 309 -11.36 -18.75 -7.39
N THR A 310 -12.09 -19.00 -8.48
CA THR A 310 -13.14 -18.13 -9.07
C THR A 310 -14.49 -18.66 -8.59
N LYS A 311 -15.14 -17.92 -7.69
CA LYS A 311 -16.36 -18.40 -6.99
C LYS A 311 -17.61 -17.52 -7.23
N THR A 312 -18.80 -18.16 -7.29
CA THR A 312 -20.09 -17.45 -7.31
C THR A 312 -21.12 -18.27 -6.53
N ALA A 313 -21.93 -17.57 -5.73
CA ALA A 313 -22.98 -18.17 -4.90
C ALA A 313 -24.05 -17.14 -4.62
N PRO A 314 -25.32 -17.54 -4.63
CA PRO A 314 -26.35 -16.75 -3.95
C PRO A 314 -26.06 -16.78 -2.44
N ALA A 315 -26.46 -15.70 -1.74
CA ALA A 315 -26.18 -15.44 -0.32
C ALA A 315 -27.31 -14.60 0.29
N THR A 316 -27.47 -14.64 1.60
CA THR A 316 -28.37 -13.76 2.37
C THR A 316 -27.52 -12.85 3.24
N MSE A 317 -27.65 -11.53 3.07
CA MSE A 317 -27.10 -10.56 4.01
C MSE A 317 -28.09 -10.34 5.13
O MSE A 317 -29.28 -10.18 4.89
CB MSE A 317 -26.79 -9.23 3.34
CG MSE A 317 -25.91 -9.36 2.14
SE MSE A 317 -25.97 -7.67 1.23
CE MSE A 317 -24.90 -6.55 2.48
N TYR A 318 -27.53 -10.32 6.35
CA TYR A 318 -28.25 -10.09 7.59
C TYR A 318 -27.79 -8.76 8.15
N LEU A 319 -28.71 -7.82 8.33
CA LEU A 319 -28.39 -6.45 8.75
C LEU A 319 -29.28 -6.09 9.94
N ARG A 320 -28.81 -5.17 10.77
CA ARG A 320 -29.54 -4.76 12.00
C ARG A 320 -29.76 -3.26 11.93
N THR A 321 -30.95 -2.81 12.31
CA THR A 321 -31.29 -1.40 12.61
C THR A 321 -30.76 -1.07 14.01
N ALA A 322 -30.58 0.20 14.35
CA ALA A 322 -30.33 0.64 15.73
C ALA A 322 -31.51 0.25 16.66
N SER A 323 -32.77 0.41 16.19
CA SER A 323 -34.04 -0.05 16.81
C SER A 323 -34.06 -1.57 17.05
N GLY A 324 -33.14 -2.32 16.44
CA GLY A 324 -32.78 -3.72 16.78
C GLY A 324 -33.51 -4.78 15.96
N ILE A 325 -34.25 -4.41 14.91
CA ILE A 325 -34.86 -5.40 13.98
C ILE A 325 -33.72 -5.99 13.12
N GLU A 326 -33.72 -7.31 12.92
CA GLU A 326 -32.85 -8.00 11.93
C GLU A 326 -33.61 -8.03 10.60
N VAL A 327 -32.96 -7.58 9.52
CA VAL A 327 -33.48 -7.64 8.12
C VAL A 327 -32.45 -8.34 7.24
N GLN A 328 -32.95 -8.85 6.12
CA GLN A 328 -32.25 -9.74 5.16
C GLN A 328 -32.24 -9.08 3.78
N ARG A 329 -31.22 -9.33 2.99
CA ARG A 329 -31.16 -8.85 1.60
C ARG A 329 -30.42 -9.94 0.82
N GLU A 330 -31.02 -10.46 -0.26
CA GLU A 330 -30.42 -11.50 -1.11
C GLU A 330 -29.37 -10.82 -1.95
N THR A 331 -28.29 -11.51 -2.25
CA THR A 331 -27.19 -10.97 -3.09
C THR A 331 -26.57 -12.16 -3.82
N THR A 332 -25.68 -11.85 -4.75
CA THR A 332 -24.75 -12.85 -5.32
C THR A 332 -23.33 -12.43 -4.98
N VAL A 333 -22.59 -13.30 -4.32
CA VAL A 333 -21.16 -13.11 -3.97
C VAL A 333 -20.33 -13.71 -5.09
N THR A 334 -19.42 -12.92 -5.66
CA THR A 334 -18.45 -13.34 -6.71
C THR A 334 -17.08 -12.99 -6.15
N SER A 335 -16.06 -13.79 -6.43
CA SER A 335 -14.71 -13.57 -5.83
C SER A 335 -13.64 -14.23 -6.67
N THR A 336 -12.50 -13.58 -6.72
CA THR A 336 -11.26 -14.13 -7.28
C THR A 336 -10.24 -14.18 -6.15
N TYR A 337 -9.77 -15.36 -5.78
CA TYR A 337 -8.80 -15.54 -4.66
C TYR A 337 -7.66 -16.48 -5.05
N HIS A 338 -6.43 -16.07 -4.75
CA HIS A 338 -5.17 -16.78 -5.08
C HIS A 338 -4.58 -17.42 -3.84
N TYR A 339 -4.24 -18.69 -3.94
CA TYR A 339 -3.70 -19.51 -2.83
C TYR A 339 -2.59 -20.45 -3.37
N ASP A 340 -2.04 -21.32 -2.52
CA ASP A 340 -1.10 -22.41 -2.91
C ASP A 340 -0.13 -21.96 -4.00
N GLN A 341 0.67 -20.94 -3.78
CA GLN A 341 1.70 -20.57 -4.78
C GLN A 341 2.92 -21.49 -4.64
N GLU A 342 3.54 -21.86 -5.75
CA GLU A 342 4.80 -22.64 -5.83
C GLU A 342 5.77 -21.83 -6.66
N VAL A 343 7.07 -21.85 -6.35
CA VAL A 343 8.13 -21.31 -7.26
C VAL A 343 9.13 -22.41 -7.62
N HIS A 344 9.57 -22.48 -8.85
CA HIS A 344 10.58 -23.46 -9.30
C HIS A 344 11.57 -22.80 -10.25
N VAL A 345 12.85 -23.21 -10.20
CA VAL A 345 13.86 -22.86 -11.24
C VAL A 345 13.70 -23.88 -12.34
N VAL A 346 13.37 -23.49 -13.56
CA VAL A 346 13.29 -24.45 -14.69
C VAL A 346 14.44 -24.16 -15.63
N PRO A 347 15.05 -25.21 -16.20
CA PRO A 347 16.09 -25.07 -17.21
C PRO A 347 15.53 -24.67 -18.58
N VAL A 348 16.15 -23.70 -19.24
CA VAL A 348 15.79 -23.27 -20.63
C VAL A 348 16.83 -23.87 -21.59
N THR A 349 16.50 -24.99 -22.28
CA THR A 349 17.41 -25.76 -23.18
C THR A 349 17.03 -25.49 -24.64
N PHE B 26 27.56 3.11 -11.60
CA PHE B 26 28.57 3.95 -10.87
C PHE B 26 29.87 3.93 -11.69
N GLU B 27 30.77 4.91 -11.49
CA GLU B 27 32.07 5.07 -12.24
C GLU B 27 33.24 4.97 -11.26
N PRO B 28 34.06 3.89 -11.25
CA PRO B 28 35.26 3.84 -10.39
C PRO B 28 36.24 5.03 -10.61
N ALA B 29 35.87 5.90 -11.56
CA ALA B 29 36.56 7.16 -11.94
C ALA B 29 36.60 8.16 -10.78
N THR B 30 35.55 8.22 -9.99
CA THR B 30 35.56 9.14 -8.80
C THR B 30 34.86 8.52 -7.59
N ASP B 31 34.22 7.36 -7.75
CA ASP B 31 33.27 6.86 -6.73
C ASP B 31 33.93 5.81 -5.80
N SER B 32 35.18 5.39 -6.05
CA SER B 32 35.89 4.31 -5.31
C SER B 32 35.86 4.60 -3.81
N PRO B 33 35.15 3.77 -3.03
CA PRO B 33 35.12 3.99 -1.57
C PRO B 33 36.43 3.52 -0.93
N LEU B 34 36.94 4.23 0.06
CA LEU B 34 38.00 3.68 0.94
C LEU B 34 37.48 2.50 1.76
N PRO B 35 38.18 1.36 1.77
CA PRO B 35 37.72 0.24 2.55
C PRO B 35 37.95 0.48 4.03
N VAL B 36 37.20 -0.26 4.83
CA VAL B 36 37.20 -0.07 6.30
C VAL B 36 37.93 -1.25 6.91
N PRO B 37 38.83 -1.08 7.88
CA PRO B 37 39.53 -2.21 8.47
C PRO B 37 38.59 -3.26 9.07
N GLY B 38 38.92 -4.53 8.88
CA GLY B 38 38.25 -5.67 9.49
C GLY B 38 37.09 -6.17 8.64
N VAL B 39 36.69 -5.48 7.59
CA VAL B 39 35.58 -5.96 6.72
C VAL B 39 36.23 -6.79 5.59
N GLN B 40 35.57 -7.86 5.19
CA GLN B 40 35.93 -8.62 3.98
C GLN B 40 35.73 -7.80 2.70
N TYR B 41 36.74 -7.80 1.82
CA TYR B 41 36.64 -7.23 0.46
C TYR B 41 37.21 -8.18 -0.61
N PHE B 42 36.63 -8.03 -1.78
CA PHE B 42 37.27 -8.40 -3.06
C PHE B 42 38.11 -7.21 -3.54
N LEU B 43 39.28 -7.48 -4.11
CA LEU B 43 40.21 -6.44 -4.66
C LEU B 43 40.20 -6.53 -6.20
N GLN B 44 39.66 -5.53 -6.86
CA GLN B 44 39.54 -5.53 -8.33
C GLN B 44 40.47 -4.46 -8.94
N HIS B 45 41.29 -4.86 -9.89
CA HIS B 45 42.11 -3.92 -10.71
C HIS B 45 41.16 -3.25 -11.69
N VAL B 46 40.93 -1.95 -11.58
CA VAL B 46 39.82 -1.23 -12.24
C VAL B 46 39.96 -1.30 -13.78
N GLN B 47 41.15 -1.05 -14.33
CA GLN B 47 41.33 -0.95 -15.80
C GLN B 47 41.16 -2.35 -16.43
N SER B 48 41.61 -3.45 -15.81
CA SER B 48 41.47 -4.83 -16.35
C SER B 48 40.10 -5.42 -15.99
N GLY B 49 39.48 -5.03 -14.87
CA GLY B 49 38.36 -5.79 -14.34
C GLY B 49 38.80 -7.02 -13.61
N LYS B 50 40.08 -7.37 -13.64
CA LYS B 50 40.55 -8.62 -13.01
C LYS B 50 40.67 -8.49 -11.47
N TYR B 51 40.60 -9.62 -10.78
CA TYR B 51 40.54 -9.69 -9.31
C TYR B 51 41.88 -10.18 -8.77
N VAL B 52 42.17 -9.81 -7.52
CA VAL B 52 43.36 -10.28 -6.80
C VAL B 52 43.07 -11.67 -6.25
N HIS B 53 43.92 -12.62 -6.66
CA HIS B 53 43.92 -14.02 -6.16
C HIS B 53 45.32 -14.34 -5.69
N PRO B 54 45.45 -15.27 -4.72
CA PRO B 54 46.73 -15.91 -4.56
C PRO B 54 47.00 -16.76 -5.83
N HIS B 55 48.22 -16.75 -6.34
CA HIS B 55 48.57 -17.57 -7.52
C HIS B 55 48.17 -19.02 -7.26
N GLY B 56 47.40 -19.58 -8.15
CA GLY B 56 46.93 -20.98 -8.07
C GLY B 56 45.52 -21.06 -7.49
N GLY B 57 45.09 -20.03 -6.82
CA GLY B 57 43.68 -19.89 -6.39
C GLY B 57 43.36 -20.67 -5.12
N SER B 58 44.34 -21.13 -4.35
CA SER B 58 44.06 -22.05 -3.22
C SER B 58 43.41 -21.27 -2.08
N ASP B 59 42.57 -21.93 -1.31
CA ASP B 59 42.11 -21.41 -0.01
C ASP B 59 43.22 -21.58 0.99
N MSE B 60 44.21 -22.39 0.66
CA MSE B 60 45.36 -22.56 1.54
C MSE B 60 46.65 -22.25 0.81
O MSE B 60 47.50 -23.10 0.68
CB MSE B 60 45.47 -23.97 2.10
CG MSE B 60 44.15 -24.51 2.78
SE MSE B 60 44.51 -26.35 3.52
CE MSE B 60 45.48 -25.97 5.21
N PRO B 61 46.87 -20.99 0.40
CA PRO B 61 48.09 -20.67 -0.34
C PRO B 61 49.32 -20.99 0.51
N GLY B 62 50.41 -21.33 -0.15
CA GLY B 62 51.69 -21.54 0.52
C GLY B 62 52.33 -20.22 0.90
N ASN B 63 53.27 -20.27 1.79
CA ASN B 63 54.21 -19.17 2.03
C ASN B 63 54.95 -18.86 0.73
N ASP B 64 55.17 -17.58 0.53
CA ASP B 64 55.82 -16.92 -0.62
C ASP B 64 54.96 -17.13 -1.85
N THR B 65 53.65 -17.35 -1.69
CA THR B 65 52.77 -17.41 -2.86
C THR B 65 52.43 -15.98 -3.24
N ALA B 66 52.58 -15.72 -4.54
CA ALA B 66 52.31 -14.43 -5.18
C ALA B 66 50.85 -14.11 -5.24
N LEU B 67 50.55 -12.83 -4.99
CA LEU B 67 49.28 -12.19 -5.37
C LEU B 67 49.33 -11.94 -6.88
N VAL B 68 48.26 -12.32 -7.55
CA VAL B 68 48.16 -12.15 -9.01
C VAL B 68 46.80 -11.58 -9.36
N LEU B 69 46.72 -11.08 -10.58
CA LEU B 69 45.43 -10.74 -11.20
C LEU B 69 44.88 -11.91 -12.03
N HIS B 70 43.57 -12.12 -12.02
CA HIS B 70 42.91 -13.16 -12.83
C HIS B 70 41.45 -12.73 -12.98
N HIS B 71 40.90 -12.97 -14.17
CA HIS B 71 39.51 -12.59 -14.51
C HIS B 71 38.56 -13.38 -13.63
N GLY B 72 38.95 -14.54 -13.18
CA GLY B 72 38.04 -15.44 -12.47
C GLY B 72 37.40 -14.78 -11.26
N PHE B 73 36.12 -15.01 -11.08
CA PHE B 73 35.35 -14.49 -9.93
C PHE B 73 34.29 -15.52 -9.48
N ASP B 74 34.15 -15.71 -8.16
CA ASP B 74 33.04 -16.44 -7.52
C ASP B 74 32.82 -15.81 -6.14
N GLU B 75 31.75 -15.01 -6.01
CA GLU B 75 31.27 -14.32 -4.76
C GLU B 75 31.33 -15.29 -3.58
N LYS B 76 31.16 -16.59 -3.83
CA LYS B 76 30.96 -17.60 -2.75
C LYS B 76 32.32 -18.13 -2.30
N ARG B 77 33.42 -17.78 -3.00
CA ARG B 77 34.74 -18.39 -2.67
C ARG B 77 35.48 -17.50 -1.63
N ASP B 78 35.79 -18.07 -0.45
CA ASP B 78 36.52 -17.34 0.60
C ASP B 78 37.96 -17.00 0.19
N ALA B 79 38.61 -17.80 -0.64
CA ALA B 79 39.99 -17.61 -1.13
C ALA B 79 40.16 -16.30 -1.91
N LEU B 80 39.07 -15.67 -2.36
CA LEU B 80 39.06 -14.40 -3.10
C LEU B 80 38.95 -13.22 -2.13
N ARG B 81 38.84 -13.45 -0.83
CA ARG B 81 38.55 -12.36 0.15
C ARG B 81 39.82 -11.87 0.86
N TRP B 82 39.86 -10.58 1.15
CA TRP B 82 41.01 -9.94 1.81
C TRP B 82 40.45 -8.99 2.87
N VAL B 83 41.23 -8.74 3.89
CA VAL B 83 40.88 -7.91 5.04
C VAL B 83 42.06 -6.99 5.38
N PHE B 84 41.82 -5.69 5.32
CA PHE B 84 42.75 -4.67 5.81
C PHE B 84 42.67 -4.75 7.35
N VAL B 85 43.82 -4.92 7.95
CA VAL B 85 43.99 -5.01 9.40
C VAL B 85 44.70 -3.74 9.88
N ASN B 86 44.08 -3.08 10.87
CA ASN B 86 44.67 -1.88 11.52
C ASN B 86 44.14 -1.80 12.96
N ASP B 87 44.83 -2.45 13.89
CA ASP B 87 44.42 -2.58 15.33
C ASP B 87 45.70 -2.45 16.17
N ALA B 88 45.65 -2.85 17.43
CA ALA B 88 46.72 -2.63 18.42
C ALA B 88 47.84 -3.63 18.18
N GLU B 89 47.54 -4.74 17.51
CA GLU B 89 48.49 -5.87 17.31
C GLU B 89 49.19 -5.73 15.96
N ASN B 90 48.50 -5.20 14.94
CA ASN B 90 48.94 -5.19 13.51
C ASN B 90 48.58 -3.85 12.86
N LYS B 91 49.57 -3.02 12.59
CA LYS B 91 49.34 -1.69 12.03
C LYS B 91 49.43 -1.75 10.48
N HIS B 92 48.36 -1.37 9.79
CA HIS B 92 48.24 -1.21 8.30
C HIS B 92 48.78 -2.43 7.58
N GLN B 93 48.07 -3.56 7.70
CA GLN B 93 48.45 -4.82 7.06
C GLN B 93 47.25 -5.31 6.27
N LEU B 94 47.50 -6.31 5.45
CA LEU B 94 46.46 -6.89 4.59
C LEU B 94 46.54 -8.40 4.78
N LYS B 95 45.36 -9.00 4.90
CA LYS B 95 45.25 -10.43 5.30
C LYS B 95 44.43 -11.11 4.23
N HIS B 96 44.88 -12.29 3.87
CA HIS B 96 44.11 -13.22 3.04
C HIS B 96 43.09 -13.89 3.95
N TYR B 97 41.81 -13.74 3.65
CA TYR B 97 40.70 -14.16 4.57
C TYR B 97 40.79 -15.63 4.92
N SER B 98 40.84 -16.54 3.94
N SER B 98 40.87 -16.54 3.94
CA SER B 98 40.75 -18.01 4.20
CA SER B 98 40.72 -18.00 4.18
C SER B 98 41.95 -18.47 5.04
C SER B 98 41.95 -18.54 4.94
N SER B 99 43.16 -18.00 4.73
CA SER B 99 44.39 -18.53 5.32
C SER B 99 44.78 -17.75 6.56
N GLY B 100 44.40 -16.48 6.62
CA GLY B 100 44.89 -15.62 7.70
C GLY B 100 46.29 -15.13 7.46
N LYS B 101 46.91 -15.41 6.29
CA LYS B 101 48.30 -14.96 6.06
C LYS B 101 48.33 -13.47 5.72
N PHE B 102 49.40 -12.79 6.05
CA PHE B 102 49.60 -11.36 5.70
C PHE B 102 50.32 -11.19 4.34
N VAL B 103 50.12 -10.03 3.73
CA VAL B 103 50.73 -9.66 2.43
C VAL B 103 52.09 -9.02 2.72
N HIS B 104 53.13 -9.71 2.30
CA HIS B 104 54.52 -9.25 2.46
C HIS B 104 55.19 -8.95 1.12
N PRO B 105 56.19 -8.04 1.09
CA PRO B 105 57.15 -8.04 -0.03
C PRO B 105 58.01 -9.29 0.05
N LYS B 106 58.16 -10.03 -1.03
CA LYS B 106 58.97 -11.24 -1.02
C LYS B 106 60.39 -10.83 -0.63
N GLY B 107 60.96 -11.46 0.42
CA GLY B 107 62.30 -11.10 0.91
C GLY B 107 62.25 -10.04 2.00
N GLY B 108 61.10 -9.44 2.30
CA GLY B 108 60.91 -8.66 3.54
C GLY B 108 61.25 -7.19 3.38
N LYS B 109 61.62 -6.75 2.18
CA LYS B 109 61.85 -5.32 1.90
C LYS B 109 61.00 -4.83 0.73
N VAL B 110 60.33 -3.71 0.94
CA VAL B 110 59.57 -3.06 -0.17
C VAL B 110 60.56 -2.23 -1.01
N GLY B 111 60.67 -2.55 -2.29
CA GLY B 111 61.52 -1.85 -3.28
C GLY B 111 61.05 -2.18 -4.65
N LYS B 112 61.73 -1.58 -5.62
CA LYS B 112 61.37 -1.73 -7.03
C LYS B 112 61.22 -3.24 -7.29
N GLU B 113 60.10 -3.63 -7.85
CA GLU B 113 59.74 -5.00 -8.33
C GLU B 113 59.65 -6.00 -7.17
N ALA B 114 59.62 -5.59 -5.91
CA ALA B 114 59.32 -6.60 -4.85
C ALA B 114 57.90 -7.15 -5.07
N THR B 115 57.78 -8.45 -5.33
CA THR B 115 56.51 -9.19 -5.53
C THR B 115 55.67 -9.16 -4.23
N LEU B 116 54.37 -8.99 -4.32
CA LEU B 116 53.52 -9.19 -3.13
C LEU B 116 53.21 -10.69 -2.97
N VAL B 117 53.39 -11.20 -1.76
CA VAL B 117 53.21 -12.65 -1.45
C VAL B 117 52.42 -12.77 -0.15
N VAL B 118 51.73 -13.91 0.02
CA VAL B 118 51.17 -14.26 1.33
C VAL B 118 52.27 -14.97 2.09
N HIS B 119 52.36 -14.70 3.36
CA HIS B 119 53.23 -15.47 4.29
C HIS B 119 52.64 -15.47 5.72
N SER B 120 52.94 -16.51 6.51
CA SER B 120 52.41 -16.70 7.89
C SER B 120 53.05 -15.71 8.85
N SER B 121 54.19 -15.17 8.49
CA SER B 121 54.94 -14.34 9.40
C SER B 121 54.11 -13.08 9.67
N PRO B 122 54.14 -12.50 10.89
CA PRO B 122 53.46 -11.25 11.16
C PRO B 122 53.99 -10.02 10.41
N GLY B 123 53.08 -9.10 10.23
CA GLY B 123 53.30 -7.79 9.61
C GLY B 123 54.27 -6.98 10.46
N ARG B 124 54.92 -6.04 9.80
CA ARG B 124 55.85 -5.05 10.40
C ARG B 124 55.64 -3.76 9.61
N PRO B 125 56.14 -2.62 10.16
CA PRO B 125 56.17 -1.34 9.47
C PRO B 125 56.76 -1.50 8.07
N GLU B 126 57.80 -2.32 7.97
CA GLU B 126 58.51 -2.63 6.69
C GLU B 126 57.56 -3.37 5.74
N THR B 127 56.37 -3.81 6.17
CA THR B 127 55.51 -4.62 5.31
C THR B 127 54.17 -3.95 5.08
N MSE B 128 54.00 -2.76 5.66
CA MSE B 128 52.68 -2.19 5.69
C MSE B 128 52.10 -2.03 4.27
O MSE B 128 52.82 -1.74 3.31
CB MSE B 128 52.74 -0.84 6.40
CG MSE B 128 52.84 -0.96 7.95
SE MSE B 128 52.88 0.84 8.80
CE MSE B 128 54.54 1.61 7.97
N ILE B 129 50.78 -2.11 4.21
CA ILE B 129 50.04 -1.95 2.97
C ILE B 129 48.63 -1.51 3.32
N GLU B 130 48.10 -0.57 2.59
CA GLU B 130 46.72 -0.05 2.74
C GLU B 130 46.23 0.48 1.40
N MSE B 131 44.92 0.63 1.34
CA MSE B 131 44.30 1.44 0.31
C MSE B 131 44.31 2.91 0.72
O MSE B 131 44.04 3.25 1.89
CB MSE B 131 42.87 0.92 0.09
CG MSE B 131 42.26 1.46 -1.17
SE MSE B 131 42.97 0.44 -2.79
CE MSE B 131 41.58 -0.98 -2.71
N VAL B 132 44.61 3.78 -0.26
CA VAL B 132 44.65 5.21 -0.08
C VAL B 132 43.91 5.86 -1.27
N GLN B 133 43.58 7.12 -1.12
CA GLN B 133 42.89 7.90 -2.17
C GLN B 133 43.84 9.00 -2.63
N GLU B 134 44.09 9.12 -3.93
CA GLU B 134 45.03 10.11 -4.55
C GLU B 134 44.29 10.63 -5.77
N ASP B 135 44.12 11.94 -5.85
CA ASP B 135 43.28 12.61 -6.88
C ASP B 135 42.00 11.86 -7.24
N GLY B 136 41.19 11.37 -6.31
CA GLY B 136 39.84 10.81 -6.66
C GLY B 136 39.78 9.28 -6.92
N ARG B 137 40.91 8.56 -6.92
CA ARG B 137 40.94 7.08 -7.15
C ARG B 137 41.58 6.39 -5.96
N THR B 138 41.46 5.06 -5.88
CA THR B 138 42.06 4.29 -4.78
C THR B 138 43.19 3.42 -5.29
N TYR B 139 44.25 3.36 -4.47
CA TYR B 139 45.50 2.67 -4.83
C TYR B 139 45.91 1.84 -3.65
N LEU B 140 46.70 0.79 -3.87
CA LEU B 140 47.41 0.07 -2.79
C LEU B 140 48.78 0.69 -2.63
N ARG B 141 49.09 1.13 -1.40
N ARG B 141 49.10 1.07 -1.40
CA ARG B 141 50.36 1.81 -1.07
CA ARG B 141 50.35 1.78 -1.08
C ARG B 141 51.07 1.09 0.08
C ARG B 141 51.06 1.10 0.07
N HIS B 142 52.39 0.96 -0.03
CA HIS B 142 53.23 0.70 1.14
C HIS B 142 53.25 1.96 2.00
N THR B 143 52.50 1.93 3.12
CA THR B 143 52.32 3.07 4.00
C THR B 143 53.68 3.67 4.36
N ASP B 144 53.74 4.99 4.52
CA ASP B 144 54.97 5.74 4.84
C ASP B 144 56.03 5.60 3.72
N SER B 145 55.65 5.29 2.51
CA SER B 145 56.60 5.31 1.35
C SER B 145 55.86 5.79 0.10
N ASP B 146 56.58 6.02 -1.00
CA ASP B 146 56.03 6.38 -2.34
C ASP B 146 55.95 5.09 -3.19
N TYR B 147 56.03 3.92 -2.54
CA TYR B 147 55.89 2.61 -3.23
C TYR B 147 54.44 2.24 -3.24
N TYR B 148 53.90 1.98 -4.44
CA TYR B 148 52.53 1.53 -4.67
C TYR B 148 52.57 0.17 -5.35
N VAL B 149 51.39 -0.41 -5.52
CA VAL B 149 51.25 -1.79 -6.08
C VAL B 149 50.93 -1.63 -7.55
N HIS B 150 51.77 -2.26 -8.39
CA HIS B 150 51.64 -2.21 -9.87
C HIS B 150 51.52 -3.64 -10.36
N PRO B 151 50.75 -3.94 -11.40
CA PRO B 151 50.91 -5.27 -12.02
C PRO B 151 52.34 -5.40 -12.59
N HIS B 152 53.05 -6.48 -12.35
CA HIS B 152 54.34 -6.74 -13.04
C HIS B 152 54.18 -6.48 -14.57
N GLY B 153 55.04 -5.64 -15.14
CA GLY B 153 54.96 -5.29 -16.59
C GLY B 153 54.16 -4.05 -16.84
N GLY B 154 53.36 -3.63 -15.84
CA GLY B 154 52.72 -2.31 -15.85
C GLY B 154 51.71 -2.14 -16.95
N SER B 155 51.17 -3.22 -17.46
CA SER B 155 50.09 -3.11 -18.47
C SER B 155 48.80 -2.56 -17.90
N PRO B 156 48.05 -1.73 -18.63
CA PRO B 156 46.69 -1.38 -18.22
C PRO B 156 45.74 -2.59 -18.24
N ASN B 157 46.07 -3.62 -19.03
CA ASN B 157 45.23 -4.82 -19.14
C ASN B 157 46.10 -6.04 -18.97
N PRO B 158 46.65 -6.29 -17.76
CA PRO B 158 47.49 -7.45 -17.58
C PRO B 158 46.74 -8.74 -17.89
N GLY B 159 47.49 -9.68 -18.49
CA GLY B 159 47.13 -11.09 -18.64
C GLY B 159 46.87 -11.76 -17.27
N ASP B 160 45.97 -12.73 -17.28
CA ASP B 160 45.73 -13.67 -16.17
C ASP B 160 47.05 -14.15 -15.60
N ASN B 161 47.12 -14.31 -14.28
CA ASN B 161 48.26 -14.81 -13.52
C ASN B 161 49.45 -13.81 -13.57
N THR B 162 49.24 -12.56 -14.00
CA THR B 162 50.23 -11.48 -13.78
C THR B 162 50.36 -11.13 -12.29
N ARG B 163 51.56 -11.15 -11.77
CA ARG B 163 51.81 -10.96 -10.32
C ARG B 163 51.83 -9.47 -9.97
N LEU B 164 51.53 -9.15 -8.74
CA LEU B 164 51.61 -7.76 -8.28
C LEU B 164 52.98 -7.45 -7.65
N VAL B 165 53.45 -6.22 -7.80
CA VAL B 165 54.78 -5.85 -7.25
C VAL B 165 54.66 -4.44 -6.68
N TYR B 166 55.59 -4.12 -5.86
CA TYR B 166 55.82 -2.72 -5.38
C TYR B 166 56.64 -1.98 -6.46
N TYR B 167 56.35 -0.72 -6.70
CA TYR B 167 57.11 0.18 -7.62
C TYR B 167 56.75 1.62 -7.28
N SER B 168 57.67 2.53 -7.52
N SER B 168 57.68 2.55 -7.50
CA SER B 168 57.54 3.95 -7.13
CA SER B 168 57.50 3.95 -7.06
C SER B 168 56.35 4.55 -7.86
C SER B 168 56.36 4.55 -7.86
N GLY B 169 55.52 5.38 -7.23
CA GLY B 169 54.55 6.20 -7.93
C GLY B 169 53.24 5.51 -8.23
N TYR B 170 52.26 6.32 -8.65
CA TYR B 170 50.88 5.87 -8.91
C TYR B 170 50.41 6.57 -10.16
N ARG B 171 49.45 6.01 -10.85
CA ARG B 171 48.73 6.75 -11.90
C ARG B 171 47.46 5.99 -12.12
N PRO B 172 46.43 6.58 -12.75
CA PRO B 172 45.11 5.97 -12.81
C PRO B 172 44.98 4.56 -13.35
N SER B 173 45.89 4.13 -14.23
CA SER B 173 45.79 2.75 -14.78
C SER B 173 46.07 1.71 -13.69
N LEU B 174 46.73 2.11 -12.61
CA LEU B 174 47.09 1.22 -11.46
C LEU B 174 46.00 1.14 -10.38
N ALA B 175 44.89 1.82 -10.55
CA ALA B 175 43.83 1.92 -9.53
C ALA B 175 43.14 0.57 -9.23
N PHE B 176 42.69 0.41 -7.97
CA PHE B 176 42.00 -0.76 -7.42
C PHE B 176 40.68 -0.30 -6.81
N LEU B 177 39.75 -1.24 -6.79
CA LEU B 177 38.43 -1.03 -6.20
C LEU B 177 38.23 -2.13 -5.15
N ALA B 178 37.93 -1.71 -3.92
CA ALA B 178 37.62 -2.67 -2.83
C ALA B 178 36.13 -2.83 -2.78
N ILE B 179 35.62 -3.94 -3.28
CA ILE B 179 34.19 -4.29 -3.30
C ILE B 179 33.84 -5.04 -2.00
N PRO B 180 32.83 -4.60 -1.23
CA PRO B 180 32.49 -5.28 0.02
C PRO B 180 32.02 -6.70 -0.28
N ALA B 181 32.61 -7.64 0.43
CA ALA B 181 32.37 -9.09 0.26
C ALA B 181 31.63 -9.65 1.49
N GLU B 182 30.97 -8.83 2.28
CA GLU B 182 30.03 -9.36 3.35
C GLU B 182 29.03 -8.28 3.73
N THR B 183 27.96 -8.67 4.43
CA THR B 183 26.86 -7.78 4.85
C THR B 183 27.05 -7.36 6.32
N LEU B 184 26.78 -6.11 6.63
CA LEU B 184 26.98 -5.57 7.99
C LEU B 184 25.60 -5.23 8.58
N PHE B 185 25.54 -5.24 9.89
CA PHE B 185 24.44 -4.59 10.63
C PHE B 185 24.70 -3.09 10.67
N VAL B 186 23.63 -2.32 10.70
CA VAL B 186 23.59 -0.91 11.11
C VAL B 186 23.01 -0.90 12.52
N ASP B 187 23.85 -0.67 13.54
CA ASP B 187 23.44 -0.64 14.97
C ASP B 187 22.83 0.72 15.28
N ARG B 188 23.38 1.78 14.71
CA ARG B 188 22.87 3.13 14.98
C ARG B 188 23.56 4.19 14.13
N ILE B 189 22.97 5.37 14.12
CA ILE B 189 23.48 6.59 13.43
C ILE B 189 23.41 7.73 14.43
N GLU B 190 24.54 8.30 14.77
CA GLU B 190 24.59 9.41 15.75
C GLU B 190 24.82 10.71 14.99
N ILE B 191 23.89 11.64 15.07
CA ILE B 191 24.04 12.91 14.32
C ILE B 191 24.99 13.77 15.14
N HIS B 192 25.85 14.55 14.47
CA HIS B 192 26.71 15.54 15.18
C HIS B 192 25.80 16.72 15.56
N GLN B 193 25.26 16.73 16.78
CA GLN B 193 24.22 17.70 17.18
C GLN B 193 24.66 19.17 16.95
N ALA B 194 25.89 19.56 17.26
CA ALA B 194 26.33 20.98 17.18
C ALA B 194 26.21 21.49 15.75
N GLN B 195 26.17 20.62 14.73
CA GLN B 195 26.13 21.01 13.29
C GLN B 195 24.75 20.74 12.68
N ALA B 196 23.76 20.26 13.43
CA ALA B 196 22.43 19.91 12.89
C ALA B 196 21.64 21.19 12.57
N LEU B 197 21.08 21.30 11.37
CA LEU B 197 20.22 22.46 11.02
C LEU B 197 18.78 22.01 10.83
N GLU B 198 17.85 22.78 11.44
CA GLU B 198 16.39 22.54 11.51
C GLU B 198 15.62 23.76 10.97
N SER B 199 14.82 23.54 9.94
CA SER B 199 13.80 24.49 9.41
C SER B 199 12.39 23.94 9.69
N ILE B 200 11.69 24.54 10.63
CA ILE B 200 10.31 24.18 10.97
C ILE B 200 9.33 25.14 10.32
N ASN B 201 8.37 24.59 9.57
CA ASN B 201 7.28 25.33 8.90
C ASN B 201 5.91 24.63 9.06
N THR B 202 4.83 25.39 9.13
CA THR B 202 3.47 24.86 9.14
C THR B 202 2.93 24.80 7.72
N ILE B 203 2.47 23.61 7.30
CA ILE B 203 1.76 23.34 6.02
C ILE B 203 0.28 23.46 6.36
N THR B 204 -0.39 24.44 5.74
CA THR B 204 -1.83 24.74 5.92
C THR B 204 -2.58 24.30 4.66
N SER B 205 -3.47 23.33 4.80
CA SER B 205 -4.39 22.88 3.73
C SER B 205 -5.82 23.23 4.16
N LEU B 206 -6.61 23.68 3.18
CA LEU B 206 -8.05 23.97 3.31
C LEU B 206 -8.81 23.00 2.41
N SER B 207 -9.96 22.51 2.89
CA SER B 207 -10.90 21.67 2.10
C SER B 207 -11.64 22.55 1.09
N ASP B 208 -12.46 21.97 0.24
CA ASP B 208 -13.49 22.75 -0.52
C ASP B 208 -14.34 23.50 0.49
N GLU B 209 -14.91 24.62 0.08
CA GLU B 209 -15.94 25.35 0.87
C GLU B 209 -17.24 24.54 0.88
N HIS B 210 -17.99 24.63 1.96
CA HIS B 210 -19.29 23.94 2.11
C HIS B 210 -20.28 24.95 2.69
N ARG B 211 -21.37 25.21 1.96
CA ARG B 211 -22.34 26.20 2.46
C ARG B 211 -23.73 25.57 2.57
N ASN B 212 -24.45 26.14 3.53
CA ASN B 212 -25.84 25.85 3.95
C ASN B 212 -26.68 27.07 3.58
N ASP B 213 -27.36 27.00 2.43
CA ASP B 213 -28.28 28.08 1.99
C ASP B 213 -29.70 27.83 2.54
N THR B 214 -29.99 26.67 3.15
CA THR B 214 -31.35 26.21 3.63
C THR B 214 -31.75 26.95 4.95
N ASP B 215 -33.05 26.84 5.31
CA ASP B 215 -33.69 27.28 6.59
C ASP B 215 -33.93 26.09 7.54
N PRO B 217 -30.46 23.44 9.54
CA PRO B 217 -29.15 22.94 10.00
C PRO B 217 -28.77 21.73 9.14
N VAL B 218 -27.49 21.57 8.79
CA VAL B 218 -27.03 20.51 7.85
C VAL B 218 -25.70 19.94 8.36
N GLN B 219 -25.74 18.68 8.79
CA GLN B 219 -24.54 17.84 9.00
C GLN B 219 -24.09 17.50 7.58
N THR B 220 -22.83 17.80 7.26
CA THR B 220 -22.17 17.39 6.00
C THR B 220 -20.87 16.66 6.39
N SER B 221 -20.41 15.74 5.55
CA SER B 221 -19.07 15.14 5.73
C SER B 221 -18.13 15.93 4.82
N ILE B 222 -17.07 16.49 5.40
CA ILE B 222 -16.02 17.17 4.60
C ILE B 222 -14.79 16.27 4.61
N SER B 223 -14.18 16.13 3.47
CA SER B 223 -13.08 15.18 3.27
C SER B 223 -11.95 15.94 2.60
N VAL B 224 -10.72 15.67 3.02
CA VAL B 224 -9.52 16.19 2.32
C VAL B 224 -8.50 15.07 2.26
N ALA B 225 -7.75 15.05 1.15
CA ALA B 225 -6.62 14.16 0.90
C ALA B 225 -5.32 14.98 0.87
N LEU B 226 -4.34 14.63 1.70
CA LEU B 226 -3.10 15.42 1.87
C LEU B 226 -1.81 14.59 1.63
N GLU B 227 -1.86 13.51 0.83
CA GLU B 227 -0.74 12.53 0.68
C GLU B 227 0.47 13.22 0.05
N GLU B 228 0.21 14.02 -0.98
CA GLU B 228 1.24 14.81 -1.69
C GLU B 228 1.93 15.75 -0.68
N SER B 229 1.15 16.47 0.13
CA SER B 229 1.69 17.61 0.90
C SER B 229 2.51 17.10 2.08
N LEU B 230 2.21 15.92 2.60
CA LEU B 230 2.68 15.53 3.96
C LEU B 230 3.53 14.26 3.89
N GLN B 231 4.12 14.02 2.73
CA GLN B 231 5.11 12.95 2.46
C GLN B 231 6.37 13.19 3.32
N ASP B 232 6.66 12.24 4.21
CA ASP B 232 7.95 12.13 4.92
C ASP B 232 9.04 11.51 4.01
N SER B 233 10.32 11.80 4.28
CA SER B 233 11.45 11.24 3.50
C SER B 233 12.72 11.36 4.33
N ALA B 234 13.69 10.56 3.97
CA ALA B 234 15.00 10.68 4.63
C ALA B 234 16.05 10.13 3.70
N GLN B 235 17.24 10.65 3.84
CA GLN B 235 18.30 10.28 2.90
C GLN B 235 19.60 10.23 3.69
N LEU B 236 20.41 9.22 3.40
CA LEU B 236 21.81 9.18 3.80
C LEU B 236 22.64 9.50 2.56
N SER B 237 23.56 10.44 2.64
CA SER B 237 24.33 10.77 1.41
C SER B 237 25.83 10.75 1.69
N PHE B 238 26.60 10.40 0.67
CA PHE B 238 28.05 10.12 0.81
C PHE B 238 28.78 10.91 -0.29
N GLU B 239 30.07 11.19 -0.04
CA GLU B 239 30.94 11.92 -1.01
C GLU B 239 31.14 10.99 -2.22
N ARG B 240 31.75 9.82 -2.00
CA ARG B 240 32.05 8.88 -3.13
C ARG B 240 30.85 7.95 -3.32
N CYS B 241 30.63 7.05 -2.36
CA CYS B 241 29.56 6.05 -2.33
C CYS B 241 29.59 5.40 -0.94
N PHE B 242 28.48 4.82 -0.55
CA PHE B 242 28.27 4.23 0.79
C PHE B 242 29.40 3.25 1.00
N GLY B 243 29.58 2.32 0.06
CA GLY B 243 30.71 1.38 -0.04
C GLY B 243 30.61 0.15 0.85
N LEU B 244 29.48 -0.04 1.54
CA LEU B 244 29.22 -1.18 2.47
C LEU B 244 27.89 -1.84 2.11
N LYS B 245 27.82 -3.16 2.20
CA LYS B 245 26.63 -3.96 1.90
C LYS B 245 25.85 -4.14 3.22
N VAL B 246 24.57 -3.74 3.27
CA VAL B 246 23.72 -3.81 4.51
C VAL B 246 22.51 -4.66 4.23
N GLY B 247 22.46 -5.36 3.12
CA GLY B 247 21.29 -6.21 2.80
C GLY B 247 20.14 -5.41 2.20
N SER B 248 18.92 -5.99 2.18
CA SER B 248 17.76 -5.50 1.36
C SER B 248 17.24 -4.18 1.95
N GLU B 249 17.08 -4.11 3.27
CA GLU B 249 16.59 -2.92 4.01
C GLU B 249 17.21 -3.00 5.40
N PHE B 250 17.37 -1.87 6.07
CA PHE B 250 17.77 -1.80 7.49
C PHE B 250 16.96 -0.70 8.17
N GLU B 251 16.78 -0.84 9.48
CA GLU B 251 15.97 0.04 10.30
C GLU B 251 16.88 0.82 11.23
N VAL B 252 16.72 2.14 11.34
CA VAL B 252 17.52 2.95 12.30
C VAL B 252 16.64 4.05 12.88
N GLY B 253 16.83 4.32 14.15
CA GLY B 253 16.25 5.50 14.79
C GLY B 253 17.02 6.75 14.40
N LEU B 254 16.32 7.74 13.87
CA LEU B 254 16.92 9.06 13.56
C LEU B 254 16.12 10.14 14.24
N PRO B 255 16.79 11.19 14.70
CA PRO B 255 16.09 12.32 15.32
C PRO B 255 15.61 13.29 14.24
N LEU B 256 14.35 13.19 13.83
CA LEU B 256 13.79 13.87 12.61
C LEU B 256 13.22 15.26 12.96
N VAL B 257 12.96 15.47 14.26
CA VAL B 257 12.59 16.78 14.87
C VAL B 257 13.06 16.74 16.31
N GLY B 258 13.78 17.79 16.72
CA GLY B 258 14.60 17.83 17.96
C GLY B 258 15.41 16.56 18.13
N LYS B 259 15.41 16.00 19.35
CA LYS B 259 16.27 14.84 19.75
C LYS B 259 15.51 13.51 19.73
N THR B 260 14.19 13.52 19.56
CA THR B 260 13.30 12.34 19.57
C THR B 260 13.57 11.45 18.35
N LYS B 261 13.92 10.20 18.61
CA LYS B 261 14.33 9.24 17.58
C LYS B 261 13.08 8.63 16.95
N VAL B 262 13.00 8.62 15.62
CA VAL B 262 11.89 8.05 14.82
C VAL B 262 12.46 6.94 13.94
N SER B 263 11.69 5.86 13.79
CA SER B 263 12.12 4.65 13.05
C SER B 263 12.12 4.98 11.55
N VAL B 264 13.26 4.78 10.88
CA VAL B 264 13.38 4.95 9.41
C VAL B 264 13.95 3.67 8.80
N GLN B 265 13.35 3.20 7.72
CA GLN B 265 13.76 1.98 7.01
C GLN B 265 14.53 2.44 5.79
N PHE B 266 15.78 2.02 5.65
CA PHE B 266 16.62 2.43 4.50
C PHE B 266 16.87 1.22 3.61
N SER B 267 16.96 1.46 2.32
CA SER B 267 17.38 0.37 1.44
C SER B 267 18.28 0.97 0.38
N GLY B 268 19.32 0.26 -0.02
CA GLY B 268 20.06 0.68 -1.23
C GLY B 268 21.35 -0.07 -1.43
N SER B 269 22.13 0.41 -2.38
CA SER B 269 23.30 -0.30 -2.92
C SER B 269 24.55 0.29 -2.28
N TRP B 270 25.56 -0.53 -2.00
CA TRP B 270 26.92 -0.03 -1.64
C TRP B 270 27.48 0.89 -2.72
N LYS B 271 27.09 0.74 -3.96
CA LYS B 271 27.50 1.63 -5.11
C LYS B 271 26.84 3.01 -5.04
N SER B 272 25.74 3.15 -4.31
CA SER B 272 24.95 4.40 -4.34
C SER B 272 25.61 5.48 -3.45
N SER B 273 25.44 6.75 -3.81
CA SER B 273 25.93 7.88 -3.02
C SER B 273 24.75 8.52 -2.28
N THR B 274 23.54 8.03 -2.49
CA THR B 274 22.37 8.48 -1.71
C THR B 274 21.54 7.22 -1.40
N ILE B 275 21.33 6.90 -0.11
CA ILE B 275 20.41 5.80 0.33
C ILE B 275 19.06 6.42 0.77
N LYS B 276 17.98 6.03 0.12
CA LYS B 276 16.58 6.50 0.38
C LYS B 276 16.03 5.78 1.60
N GLY B 277 15.42 6.56 2.51
CA GLY B 277 14.69 6.05 3.67
C GLY B 277 13.21 6.30 3.58
N GLU B 278 12.43 5.44 4.21
CA GLU B 278 10.97 5.62 4.43
C GLU B 278 10.71 5.70 5.93
N VAL B 279 9.98 6.71 6.33
CA VAL B 279 9.56 6.84 7.75
C VAL B 279 8.39 5.86 8.00
N ARG B 280 8.49 5.02 9.01
CA ARG B 280 7.58 3.87 9.25
C ARG B 280 6.17 4.38 9.58
N THR B 281 5.99 4.93 10.77
CA THR B 281 4.68 5.24 11.39
C THR B 281 4.49 6.76 11.23
N SER B 282 3.52 7.19 10.42
CA SER B 282 3.25 8.64 10.20
C SER B 282 2.77 9.19 11.53
N ALA B 283 3.23 10.39 11.92
CA ALA B 283 2.77 11.04 13.19
C ALA B 283 1.41 11.79 12.99
N VAL B 284 0.89 11.81 11.76
CA VAL B 284 -0.19 12.72 11.27
C VAL B 284 -1.08 11.97 10.29
N LYS B 285 -2.23 12.57 9.96
CA LYS B 285 -3.20 12.01 9.00
C LYS B 285 -3.01 12.64 7.62
N VAL B 286 -3.23 11.81 6.61
CA VAL B 286 -3.25 12.20 5.17
C VAL B 286 -4.67 12.10 4.60
N GLN B 287 -5.55 11.40 5.31
CA GLN B 287 -7.00 11.32 4.92
C GLN B 287 -7.75 12.03 6.03
N ILE B 288 -8.33 13.17 5.73
CA ILE B 288 -9.09 13.96 6.76
C ILE B 288 -10.58 13.81 6.45
N ASN B 289 -11.38 13.35 7.42
CA ASN B 289 -12.86 13.18 7.30
C ASN B 289 -13.50 13.79 8.54
N GLU B 290 -14.35 14.81 8.38
CA GLU B 290 -14.90 15.49 9.58
C GLU B 290 -16.43 15.69 9.49
N HIS B 291 -17.04 15.57 10.68
CA HIS B 291 -18.48 15.62 11.00
C HIS B 291 -18.81 17.08 11.21
N VAL B 292 -19.47 17.75 10.27
CA VAL B 292 -19.66 19.21 10.54
C VAL B 292 -21.13 19.56 10.43
N THR B 293 -21.62 20.26 11.45
CA THR B 293 -22.95 20.92 11.43
C THR B 293 -22.71 22.34 10.93
N ILE B 294 -23.24 22.68 9.75
CA ILE B 294 -23.20 24.06 9.18
C ILE B 294 -24.47 24.77 9.60
N PRO B 295 -24.38 25.86 10.42
CA PRO B 295 -25.57 26.60 10.82
C PRO B 295 -26.27 27.14 9.56
N PRO B 296 -27.60 27.39 9.59
CA PRO B 296 -28.26 28.19 8.55
C PRO B 296 -27.56 29.51 8.20
N GLY B 297 -27.30 29.71 6.90
CA GLY B 297 -26.67 30.92 6.32
C GLY B 297 -25.18 30.77 6.09
N LYS B 298 -24.54 29.78 6.75
CA LYS B 298 -23.08 29.74 7.04
C LYS B 298 -22.28 29.03 5.92
N CYS B 299 -21.07 29.52 5.64
CA CYS B 299 -20.05 28.79 4.84
C CYS B 299 -18.82 28.44 5.71
N VAL B 300 -18.30 27.21 5.59
CA VAL B 300 -17.13 26.79 6.40
C VAL B 300 -16.17 25.99 5.50
N GLN B 301 -14.96 25.84 6.00
CA GLN B 301 -14.01 24.84 5.43
C GLN B 301 -13.29 24.20 6.60
N ILE B 302 -12.68 23.04 6.37
CA ILE B 302 -11.74 22.41 7.33
C ILE B 302 -10.36 22.99 7.05
N ARG B 303 -9.69 23.42 8.09
CA ARG B 303 -8.30 23.90 8.01
C ARG B 303 -7.39 22.88 8.71
N ILE B 304 -6.38 22.37 7.99
CA ILE B 304 -5.37 21.46 8.61
C ILE B 304 -4.00 22.19 8.68
N ASP B 305 -3.44 22.25 9.87
CA ASP B 305 -2.10 22.83 10.09
C ASP B 305 -1.24 21.69 10.58
N THR B 306 -0.29 21.29 9.76
CA THR B 306 0.69 20.23 10.02
C THR B 306 2.09 20.85 10.05
N ARG B 307 2.86 20.55 11.09
CA ARG B 307 4.27 21.02 11.22
C ARG B 307 5.14 20.10 10.37
N ARG B 308 6.03 20.72 9.61
CA ARG B 308 7.08 20.03 8.85
C ARG B 308 8.44 20.41 9.44
N CYS B 309 9.24 19.42 9.88
CA CYS B 309 10.67 19.66 10.17
C CYS B 309 11.46 19.23 8.94
N THR B 310 12.20 20.16 8.33
CA THR B 310 13.23 19.89 7.30
C THR B 310 14.59 19.97 8.01
N LYS B 311 15.41 18.92 7.92
CA LYS B 311 16.63 18.81 8.76
C LYS B 311 17.84 18.29 7.97
N THR B 312 19.02 18.78 8.35
N THR B 312 19.02 18.81 8.29
CA THR B 312 20.32 18.37 7.78
CA THR B 312 20.32 18.33 7.73
C THR B 312 21.33 18.24 8.91
C THR B 312 21.33 18.24 8.85
N ALA B 313 22.08 17.15 8.93
CA ALA B 313 23.10 16.93 9.96
C ALA B 313 24.11 15.93 9.42
N PRO B 314 25.40 16.25 9.58
CA PRO B 314 26.47 15.27 9.51
C PRO B 314 26.17 14.21 10.59
N ALA B 315 26.56 12.97 10.35
CA ALA B 315 26.34 11.85 11.31
C ALA B 315 27.43 10.79 11.12
N THR B 316 27.66 10.01 12.19
CA THR B 316 28.42 8.77 12.15
C THR B 316 27.50 7.56 12.15
N MSE B 317 27.71 6.70 11.14
CA MSE B 317 27.09 5.38 11.14
C MSE B 317 27.96 4.38 11.89
O MSE B 317 29.17 4.37 11.73
CB MSE B 317 26.75 4.89 9.75
CG MSE B 317 25.98 5.90 8.93
SE MSE B 317 25.88 5.14 7.13
CE MSE B 317 24.67 3.58 7.32
N TYR B 318 27.31 3.55 12.70
CA TYR B 318 27.93 2.48 13.46
C TYR B 318 27.45 1.16 12.90
N LEU B 319 28.32 0.44 12.20
CA LEU B 319 27.98 -0.81 11.51
C LEU B 319 28.84 -1.89 12.15
N ARG B 320 28.58 -3.15 11.80
CA ARG B 320 29.22 -4.26 12.53
C ARG B 320 29.13 -5.45 11.60
N THR B 321 30.21 -6.20 11.51
CA THR B 321 30.24 -7.49 10.78
C THR B 321 29.59 -8.60 11.62
N ALA B 322 29.22 -9.71 11.01
CA ALA B 322 28.74 -10.92 11.70
C ALA B 322 29.79 -11.38 12.74
N SER B 323 31.08 -11.24 12.47
CA SER B 323 32.14 -11.71 13.37
C SER B 323 32.32 -10.74 14.54
N GLY B 324 31.77 -9.55 14.53
CA GLY B 324 31.83 -8.66 15.71
C GLY B 324 32.71 -7.46 15.54
N ILE B 325 33.22 -7.20 14.35
CA ILE B 325 34.08 -6.03 14.13
C ILE B 325 33.15 -4.84 14.00
N GLU B 326 33.43 -3.79 14.75
CA GLU B 326 32.63 -2.54 14.81
C GLU B 326 33.29 -1.52 13.90
N VAL B 327 32.57 -1.00 12.91
CA VAL B 327 33.16 -0.01 11.98
C VAL B 327 32.19 1.17 11.86
N GLN B 328 32.72 2.26 11.37
CA GLN B 328 32.00 3.53 11.26
C GLN B 328 32.00 4.00 9.81
N ARG B 329 31.05 4.87 9.44
CA ARG B 329 31.06 5.54 8.11
C ARG B 329 30.42 6.91 8.33
N GLU B 330 31.09 7.98 7.95
CA GLU B 330 30.48 9.33 8.03
C GLU B 330 29.42 9.38 6.95
N THR B 331 28.37 10.19 7.18
CA THR B 331 27.28 10.43 6.25
C THR B 331 26.70 11.79 6.54
N THR B 332 25.79 12.20 5.66
CA THR B 332 24.93 13.34 5.88
C THR B 332 23.50 12.81 5.86
N VAL B 333 22.75 13.13 6.91
CA VAL B 333 21.31 12.79 7.07
C VAL B 333 20.46 14.04 6.74
N THR B 334 19.63 13.97 5.73
CA THR B 334 18.63 15.01 5.45
C THR B 334 17.26 14.34 5.56
N SER B 335 16.27 15.06 6.07
CA SER B 335 14.92 14.49 6.22
C SER B 335 13.84 15.57 6.09
N THR B 336 12.65 15.13 5.72
CA THR B 336 11.39 15.89 5.88
C THR B 336 10.42 15.04 6.70
N TYR B 337 9.95 15.58 7.83
CA TYR B 337 9.07 14.89 8.79
C TYR B 337 7.93 15.81 9.25
N HIS B 338 6.72 15.24 9.30
CA HIS B 338 5.47 15.95 9.65
C HIS B 338 4.98 15.46 11.01
N TYR B 339 4.68 16.37 11.94
CA TYR B 339 4.19 16.13 13.34
C TYR B 339 3.19 17.25 13.74
N ASP B 340 2.63 17.19 14.94
CA ASP B 340 1.78 18.26 15.56
C ASP B 340 0.71 18.77 14.58
N GLN B 341 -0.01 17.86 13.96
CA GLN B 341 -1.17 18.17 13.12
C GLN B 341 -2.35 18.61 14.00
N GLU B 342 -2.98 19.69 13.55
CA GLU B 342 -4.24 20.26 14.09
C GLU B 342 -5.27 20.34 12.94
N VAL B 343 -6.54 20.09 13.28
CA VAL B 343 -7.74 20.27 12.41
C VAL B 343 -8.72 21.24 13.10
N HIS B 344 -9.19 22.23 12.33
CA HIS B 344 -10.20 23.20 12.78
C HIS B 344 -11.28 23.35 11.72
N VAL B 345 -12.53 23.55 12.15
CA VAL B 345 -13.60 24.07 11.24
C VAL B 345 -13.54 25.59 11.36
N VAL B 346 -13.26 26.26 10.25
CA VAL B 346 -13.10 27.73 10.16
C VAL B 346 -14.22 28.33 9.28
N PRO B 347 -14.76 29.50 9.72
CA PRO B 347 -15.65 30.33 8.90
C PRO B 347 -15.09 30.77 7.55
N VAL B 348 -15.95 31.08 6.57
CA VAL B 348 -15.54 31.62 5.23
C VAL B 348 -16.12 33.03 5.00
C1 NGA C . -55.67 11.61 -15.02
C2 NGA C . -55.07 10.34 -15.70
C3 NGA C . -55.33 9.08 -14.87
C4 NGA C . -54.86 9.34 -13.43
C5 NGA C . -55.65 10.54 -12.93
C6 NGA C . -55.46 10.75 -11.47
C7 NGA C . -54.62 10.20 -18.15
C8 NGA C . -55.15 9.55 -19.40
N2 NGA C . -55.46 10.15 -17.12
O1 NGA C . -55.34 12.70 -15.90
O3 NGA C . -54.61 8.04 -15.48
O4 NGA C . -53.41 9.52 -13.40
O5 NGA C . -55.22 11.72 -13.64
O6 NGA C . -56.13 11.96 -11.15
O7 NGA C . -53.49 10.68 -18.06
C1 EDO D . -61.03 7.38 6.90
O1 EDO D . -60.40 8.27 6.03
C2 EDO D . -60.19 6.22 7.28
O2 EDO D . -60.93 5.13 7.85
C1 PEG E . -41.96 21.26 3.39
O1 PEG E . -40.77 20.53 3.76
C2 PEG E . -43.20 20.63 3.95
O2 PEG E . -44.14 20.19 2.95
C3 PEG E . -45.50 20.68 3.17
C4 PEG E . -46.47 19.76 2.53
O4 PEG E . -47.78 20.33 2.37
C01 1JW F . 42.66 -18.46 -10.32
C02 1JW F . 44.11 -18.97 -10.30
C03 1JW F . 45.08 -17.86 -10.11
O04 1JW F . 46.44 -18.05 -10.40
C05 1JW F . 41.50 -19.42 -9.97
C06 1JW F . 40.24 -19.47 -10.88
C07 1JW F . 39.54 -20.80 -10.76
O08 1JW F . 39.72 -21.57 -11.95
O09 1JW F . 39.24 -18.48 -10.68
C01 1JW G . 59.34 -13.18 5.43
C02 1JW G . 59.60 -13.24 3.98
C03 1JW G . 58.43 -12.83 3.17
O04 1JW G . 58.85 -13.07 1.83
C05 1JW G . 59.89 -11.95 6.07
C06 1JW G . 58.84 -11.09 6.78
C07 1JW G . 59.31 -10.76 8.19
O08 1JW G . 58.27 -10.21 9.00
O09 1JW G . 58.48 -9.88 5.99
C01 1JW H . 55.83 -1.02 -13.39
C02 1JW H . 56.29 -2.28 -13.94
C03 1JW H . 56.47 -3.34 -12.91
O04 1JW H . 56.99 -4.47 -13.47
C05 1JW H . 56.16 0.15 -14.25
C06 1JW H . 55.55 1.42 -13.68
C07 1JW H . 55.99 2.64 -14.46
O08 1JW H . 55.65 3.85 -13.78
O09 1JW H . 54.16 1.24 -13.72
C1 EDO I . 58.70 -14.98 -9.60
O1 EDO I . 59.45 -14.65 -10.78
C2 EDO I . 58.94 -14.07 -8.41
O2 EDO I . 58.20 -14.44 -7.23
C1 PGE J . 63.36 -1.53 4.96
O1 PGE J . 62.75 -2.90 4.93
C2 PGE J . 64.36 -1.24 3.81
O2 PGE J . 63.78 -0.65 2.62
C3 PGE J . 64.69 -0.74 1.50
C4 PGE J . 64.14 -0.17 0.17
O4 PGE J . 64.37 -0.34 -4.59
C6 PGE J . 65.07 -0.93 -3.43
C5 PGE J . 64.94 -0.09 -2.12
O3 PGE J . 64.64 -0.91 -0.98
C1 EDO K . 23.99 -4.55 -1.60
O1 EDO K . 24.67 -3.38 -1.93
C2 EDO K . 23.45 -4.43 -0.19
O2 EDO K . 23.68 -5.62 0.59
#